data_1CAP
# 
_entry.id   1CAP 
# 
_audit_conform.dict_name       mmcif_pdbx.dic 
_audit_conform.dict_version    5.385 
_audit_conform.dict_location   http://mmcif.pdb.org/dictionaries/ascii/mmcif_pdbx.dic 
# 
loop_
_database_2.database_id 
_database_2.database_code 
_database_2.pdbx_database_accession 
_database_2.pdbx_DOI 
PDB   1CAP         pdb_00001cap 10.2210/pdb1cap/pdb 
WWPDB D_1000172194 ?            ?                   
# 
loop_
_pdbx_audit_revision_history.ordinal 
_pdbx_audit_revision_history.data_content_type 
_pdbx_audit_revision_history.major_revision 
_pdbx_audit_revision_history.minor_revision 
_pdbx_audit_revision_history.revision_date 
1 'Structure model' 1 0 1980-03-28 
2 'Structure model' 1 1 2008-03-21 
3 'Structure model' 1 2 2011-07-13 
4 'Structure model' 2 0 2020-07-29 
5 'Structure model' 2 1 2024-02-07 
# 
loop_
_pdbx_audit_revision_details.ordinal 
_pdbx_audit_revision_details.revision_ordinal 
_pdbx_audit_revision_details.data_content_type 
_pdbx_audit_revision_details.provider 
_pdbx_audit_revision_details.type 
_pdbx_audit_revision_details.description 
_pdbx_audit_revision_details.details 
1 1 'Structure model' repository 'Initial release' ?                          ? 
2 4 'Structure model' repository Remediation       'Carbohydrate remediation' ? 
# 
loop_
_pdbx_audit_revision_group.ordinal 
_pdbx_audit_revision_group.revision_ordinal 
_pdbx_audit_revision_group.data_content_type 
_pdbx_audit_revision_group.group 
1  2 'Structure model' 'Version format compliance' 
2  3 'Structure model' 'Non-polymer description'   
3  3 'Structure model' 'Version format compliance' 
4  4 'Structure model' Advisory                    
5  4 'Structure model' 'Atomic model'              
6  4 'Structure model' 'Data collection'           
7  4 'Structure model' 'Database references'       
8  4 'Structure model' 'Derived calculations'      
9  4 'Structure model' Other                       
10 4 'Structure model' 'Structure summary'         
11 5 'Structure model' 'Data collection'           
12 5 'Structure model' 'Database references'       
13 5 'Structure model' 'Structure summary'         
# 
loop_
_pdbx_audit_revision_category.ordinal 
_pdbx_audit_revision_category.revision_ordinal 
_pdbx_audit_revision_category.data_content_type 
_pdbx_audit_revision_category.category 
1  4 'Structure model' atom_site                     
2  4 'Structure model' chem_comp                     
3  4 'Structure model' database_PDB_caveat           
4  4 'Structure model' entity                        
5  4 'Structure model' pdbx_branch_scheme            
6  4 'Structure model' pdbx_chem_comp_identifier     
7  4 'Structure model' pdbx_database_status          
8  4 'Structure model' pdbx_entity_branch            
9  4 'Structure model' pdbx_entity_branch_descriptor 
10 4 'Structure model' pdbx_entity_branch_link       
11 4 'Structure model' pdbx_entity_branch_list       
12 4 'Structure model' pdbx_entity_nonpoly           
13 4 'Structure model' pdbx_nonpoly_scheme           
14 4 'Structure model' pdbx_struct_assembly          
15 4 'Structure model' pdbx_struct_oper_list         
16 4 'Structure model' pdbx_unobs_or_zero_occ_atoms  
17 4 'Structure model' pdbx_validate_chiral          
18 4 'Structure model' pdbx_validate_symm_contact    
19 4 'Structure model' struct_asym                   
20 4 'Structure model' struct_conn                   
21 4 'Structure model' struct_ref                    
22 4 'Structure model' struct_ref_seq                
23 4 'Structure model' struct_site                   
24 4 'Structure model' struct_site_gen               
25 5 'Structure model' chem_comp                     
26 5 'Structure model' chem_comp_atom                
27 5 'Structure model' chem_comp_bond                
28 5 'Structure model' database_2                    
# 
loop_
_pdbx_audit_revision_item.ordinal 
_pdbx_audit_revision_item.revision_ordinal 
_pdbx_audit_revision_item.data_content_type 
_pdbx_audit_revision_item.item 
1  4 'Structure model' '_atom_site.Cartn_x'                          
2  4 'Structure model' '_atom_site.Cartn_y'                          
3  4 'Structure model' '_atom_site.Cartn_z'                          
4  4 'Structure model' '_atom_site.auth_atom_id'                     
5  4 'Structure model' '_atom_site.auth_comp_id'                     
6  4 'Structure model' '_atom_site.auth_seq_id'                      
7  4 'Structure model' '_atom_site.label_asym_id'                    
8  4 'Structure model' '_atom_site.label_atom_id'                    
9  4 'Structure model' '_atom_site.label_comp_id'                    
10 4 'Structure model' '_atom_site.label_entity_id'                  
11 4 'Structure model' '_atom_site.type_symbol'                      
12 4 'Structure model' '_chem_comp.mon_nstd_flag'                    
13 4 'Structure model' '_chem_comp.name'                             
14 4 'Structure model' '_chem_comp.type'                             
15 4 'Structure model' '_pdbx_database_status.process_site'          
16 4 'Structure model' '_pdbx_unobs_or_zero_occ_atoms.auth_seq_id'   
17 4 'Structure model' '_pdbx_unobs_or_zero_occ_atoms.label_seq_id'  
18 4 'Structure model' '_pdbx_validate_chiral.auth_seq_id'           
19 4 'Structure model' '_pdbx_validate_symm_contact.auth_atom_id_1'  
20 4 'Structure model' '_pdbx_validate_symm_contact.auth_atom_id_2'  
21 4 'Structure model' '_pdbx_validate_symm_contact.auth_comp_id_1'  
22 4 'Structure model' '_pdbx_validate_symm_contact.auth_comp_id_2'  
23 4 'Structure model' '_pdbx_validate_symm_contact.auth_seq_id_1'   
24 4 'Structure model' '_pdbx_validate_symm_contact.auth_seq_id_2'   
25 4 'Structure model' '_pdbx_validate_symm_contact.site_symmetry_2' 
26 4 'Structure model' '_struct_conn.pdbx_dist_value'                
27 4 'Structure model' '_struct_conn.pdbx_leaving_atom_flag'         
28 4 'Structure model' '_struct_conn.ptnr1_auth_comp_id'             
29 4 'Structure model' '_struct_conn.ptnr1_auth_seq_id'              
30 4 'Structure model' '_struct_conn.ptnr1_label_asym_id'            
31 4 'Structure model' '_struct_conn.ptnr1_label_atom_id'            
32 4 'Structure model' '_struct_conn.ptnr1_label_comp_id'            
33 4 'Structure model' '_struct_conn.ptnr2_auth_comp_id'             
34 4 'Structure model' '_struct_conn.ptnr2_auth_seq_id'              
35 4 'Structure model' '_struct_conn.ptnr2_label_asym_id'            
36 4 'Structure model' '_struct_conn.ptnr2_label_atom_id'            
37 4 'Structure model' '_struct_conn.ptnr2_label_comp_id'            
38 5 'Structure model' '_chem_comp.pdbx_synonyms'                    
39 5 'Structure model' '_database_2.pdbx_DOI'                        
40 5 'Structure model' '_database_2.pdbx_database_accession'         
# 
_database_PDB_caveat.id     1 
_database_PDB_caveat.text   'GAL A 5 HAS WRONG CHIRALITY AT ATOM C1' 
# 
_pdbx_database_status.status_code                     REL 
_pdbx_database_status.entry_id                        1CAP 
_pdbx_database_status.recvd_initial_deposition_date   1978-05-23 
_pdbx_database_status.deposit_site                    ? 
_pdbx_database_status.process_site                    BNL 
_pdbx_database_status.SG_entry                        . 
_pdbx_database_status.status_code_sf                  ? 
_pdbx_database_status.status_code_mr                  ? 
_pdbx_database_status.pdb_format_compatible           Y 
_pdbx_database_status.status_code_cs                  ? 
_pdbx_database_status.status_code_nmr_data            ? 
_pdbx_database_status.methods_development_category    ? 
# 
_audit_author.name           'Arnott, S.' 
_audit_author.pdbx_ordinal   1 
# 
loop_
_citation.id 
_citation.title 
_citation.journal_abbrev 
_citation.journal_volume 
_citation.page_first 
_citation.page_last 
_citation.year 
_citation.journal_id_ASTM 
_citation.country 
_citation.journal_id_ISSN 
_citation.journal_id_CSD 
_citation.book_publisher 
_citation.pdbx_database_id_PubMed 
_citation.pdbx_database_id_DOI 
primary 'Conformation and molecular organization in fibers of the capsular polysaccharide from Escherichia coli M41 mutant.' 
J.Mol.Biol.                109 373 391 1977 JMOBAK UK 0022-2836 0070 ? 319241 '10.1016/S0022-2836(77)80018-1' 
1       
;Lals, a Linked-Atom Least-Squares Reciprocal-Space Refinement System Incorporating Stereochemical Restraints to Supplement Sparse Diffraction Data
;
'Acta Crystallogr.,Sect.A' 34  3   ?   1978 ACACEQ DK 0108-7673 0621 ? ?      ?                               
# 
loop_
_citation_author.citation_id 
_citation_author.name 
_citation_author.ordinal 
_citation_author.identifier_ORCID 
primary 'Moorhouse, R.' 1 ? 
primary 'Winter, W.T.'  2 ? 
primary 'Arnott, S.'    3 ? 
primary 'Bayer, M.E.'   4 ? 
1       'Smith, P.J.C.' 5 ? 
1       'Arnott, S.'    6 ? 
# 
_entity.id                         1 
_entity.type                       branched 
_entity.src_method                 man 
_entity.pdbx_description           
;alpha-D-mannopyranose-(1-3)-beta-D-glucopyranose-(1-3)-[4,6-O-[(1S)-1-carboxyethylidene]-beta-D-glucopyranose-(1-2)-alpha-D-mannopyranose-(1-4)]beta-D-glucopyranuronic acid-(1-3)-beta-D-galactopyranose-(1-2)-alpha-D-mannopyranose-(1-3)-beta-D-glucopyranose-(1-3)-[4,6-O-[(1S)-1-carboxyethylidene]-beta-D-glucopyranose-(1-2)-alpha-D-mannopyranose-(1-4)]beta-D-glucopyranuronic acid-(1-3)-beta-D-galactopyranose
;
_entity.formula_weight             2131.765 
_entity.pdbx_number_of_molecules   1 
_entity.pdbx_ec                    ? 
_entity.pdbx_mutation              ? 
_entity.pdbx_fragment              ? 
_entity.details                    ? 
# 
_pdbx_entity_branch.entity_id   1 
_pdbx_entity_branch.type        oligosaccharide 
# 
loop_
_pdbx_entity_branch_descriptor.ordinal 
_pdbx_entity_branch_descriptor.entity_id 
_pdbx_entity_branch_descriptor.descriptor 
_pdbx_entity_branch_descriptor.type 
_pdbx_entity_branch_descriptor.program 
_pdbx_entity_branch_descriptor.program_version 
1 1 
;WURCS=2.0/5,12,11/[a2112h-1b_1-5][a2122A-1b_1-5][a2122h-1b_1-5][a1122h-1a_1-5][a2122h-1b_1-5_4n2-6n1*1OC^RO*2/3CO/6=O/3C]/1-2-3-4-1-2-3-4-4-5-4-5/a3-b1_b3-c1_b4-k1_c3-d1_d2-e1_e3-f1_f3-g1_f4-i1_g3-h1_i2-j1_k2-l1
;
WURCS  PDB2Glycan 1.1.0 
2 1 
;[][D-1-deoxy-Galp]{[(3+1)][b-D-GlcpA]{[(3+1)][b-D-Glcp]{[(3+1)][a-D-Manp]{[(2+1)][a-D-Galp]{[(3+1)][b-D-GlcpA]{[(3+1)][b-D-Glcp]{[(3+1)][a-D-Manp]{}}[(4+1)][a-D-Manp]{[(2+1)]{}}}}}}[(4+1)][a-D-Manp]{[(2+1)]{}}}}
;
LINUCS PDB-CARE   ?     
# 
loop_
_pdbx_entity_branch_link.link_id 
_pdbx_entity_branch_link.entity_id 
_pdbx_entity_branch_link.entity_branch_list_num_1 
_pdbx_entity_branch_link.comp_id_1 
_pdbx_entity_branch_link.atom_id_1 
_pdbx_entity_branch_link.leaving_atom_id_1 
_pdbx_entity_branch_link.entity_branch_list_num_2 
_pdbx_entity_branch_link.comp_id_2 
_pdbx_entity_branch_link.atom_id_2 
_pdbx_entity_branch_link.leaving_atom_id_2 
_pdbx_entity_branch_link.value_order 
_pdbx_entity_branch_link.details 
1  1 2  BDP C1 O1 1  GAL O3 HO3 sing ? 
2  1 3  BGC C1 O1 2  BDP O3 HO3 sing ? 
3  1 4  MAN C1 O1 3  BGC O3 HO3 sing ? 
4  1 5  GAL C1 O1 4  MAN O2 HO2 sing ? 
5  1 6  BDP C1 O1 5  GAL O3 HO3 sing ? 
6  1 7  BGC C1 O1 6  BDP O3 HO3 sing ? 
7  1 8  MAN C1 O1 7  BGC O3 HO3 sing ? 
8  1 9  MAN C1 O1 6  BDP O4 HO4 sing ? 
9  1 10 CEG C1 O1 9  MAN O2 HO2 sing ? 
10 1 11 MAN C1 O1 2  BDP O4 HO4 sing ? 
11 1 12 CEG C1 O1 11 MAN O2 HO2 sing ? 
# 
loop_
_chem_comp.id 
_chem_comp.type 
_chem_comp.mon_nstd_flag 
_chem_comp.name 
_chem_comp.pdbx_synonyms 
_chem_comp.formula 
_chem_comp.formula_weight 
BDP 'D-saccharide, beta linking'  . 'beta-D-glucopyranuronic acid'                          
'beta-D-glucuronic acid; D-glucuronic acid; glucuronic acid' 'C6 H10 O7' 194.139 
BGC 'D-saccharide, beta linking'  . beta-D-glucopyranose                                    'beta-D-glucose; D-glucose; glucose' 
'C6 H12 O6' 180.156 
CEG 'D-saccharide, beta linking'  n '4,6-O-[(1S)-1-carboxyethylidene]-beta-D-glucopyranose' 
;4,6-O-(1-CARBOXYETHYLIDENE)-BETA-D-GLUCOSE; 4,6-O-[(1S)-1-carboxyethylidene]-beta-D-glucose; 4,6-O-[(1S)-1-carboxyethylidene]-D-glucose; 4,6-O-[(1S)-1-carboxyethylidene]-glucose
;
'C9 H14 O8' 250.203 
GAL 'D-saccharide, beta linking'  . beta-D-galactopyranose                                  
'beta-D-galactose; D-galactose; galactose' 'C6 H12 O6' 180.156 
MAN 'D-saccharide, alpha linking' . alpha-D-mannopyranose                                   'alpha-D-mannose; D-mannose; mannose' 
'C6 H12 O6' 180.156 
# 
loop_
_pdbx_chem_comp_identifier.comp_id 
_pdbx_chem_comp_identifier.type 
_pdbx_chem_comp_identifier.program 
_pdbx_chem_comp_identifier.program_version 
_pdbx_chem_comp_identifier.identifier 
BDP 'CONDENSED IUPAC CARBOHYDRATE SYMBOL' GMML     1.0 DGlcpAb                     
BDP 'COMMON NAME'                         GMML     1.0 'b-D-glucopyranuronic acid' 
BDP 'IUPAC CARBOHYDRATE SYMBOL'           PDB-CARE 1.0 b-D-GlcpA                   
BDP 'SNFG CARBOHYDRATE SYMBOL'            GMML     1.0 GlcA                        
BGC 'CONDENSED IUPAC CARBOHYDRATE SYMBOL' GMML     1.0 DGlcpb                      
BGC 'COMMON NAME'                         GMML     1.0 b-D-glucopyranose           
BGC 'IUPAC CARBOHYDRATE SYMBOL'           PDB-CARE 1.0 b-D-Glcp                    
BGC 'SNFG CARBOHYDRATE SYMBOL'            GMML     1.0 Glc                         
GAL 'CONDENSED IUPAC CARBOHYDRATE SYMBOL' GMML     1.0 DGalpb                      
GAL 'COMMON NAME'                         GMML     1.0 b-D-galactopyranose         
GAL 'IUPAC CARBOHYDRATE SYMBOL'           PDB-CARE 1.0 b-D-Galp                    
GAL 'SNFG CARBOHYDRATE SYMBOL'            GMML     1.0 Gal                         
MAN 'CONDENSED IUPAC CARBOHYDRATE SYMBOL' GMML     1.0 DManpa                      
MAN 'COMMON NAME'                         GMML     1.0 a-D-mannopyranose           
MAN 'IUPAC CARBOHYDRATE SYMBOL'           PDB-CARE 1.0 a-D-Manp                    
MAN 'SNFG CARBOHYDRATE SYMBOL'            GMML     1.0 Man                         
# 
loop_
_pdbx_branch_scheme.asym_id 
_pdbx_branch_scheme.entity_id 
_pdbx_branch_scheme.mon_id 
_pdbx_branch_scheme.num 
_pdbx_branch_scheme.pdb_asym_id 
_pdbx_branch_scheme.pdb_mon_id 
_pdbx_branch_scheme.pdb_seq_num 
_pdbx_branch_scheme.auth_asym_id 
_pdbx_branch_scheme.auth_mon_id 
_pdbx_branch_scheme.auth_seq_num 
_pdbx_branch_scheme.hetero 
A 1 GAL 1  A GAL 1  ? GAL 10 n 
A 1 BDP 2  A BDP 2  ? GCU 9  n 
A 1 BGC 3  A BGC 3  ? GLC 8  n 
A 1 MAN 4  A MAN 4  ? MAN 7  n 
A 1 GAL 5  A GAL 5  ? GAL 4  n 
A 1 BDP 6  A BDP 6  ? GCU 3  n 
A 1 BGC 7  A BGC 7  ? GLC 2  n 
A 1 MAN 8  A MAN 8  ? MAN 1  n 
A 1 MAN 9  A MAN 9  ? MAN 5  n 
A 1 CEG 10 A CEG 10 ? CEG 6  n 
A 1 MAN 11 A MAN 11 ? MAN 11 n 
A 1 CEG 12 A CEG 12 ? CEG 12 n 
# 
_pdbx_unobs_or_zero_occ_atoms.id               1 
_pdbx_unobs_or_zero_occ_atoms.PDB_model_num    1 
_pdbx_unobs_or_zero_occ_atoms.polymer_flag     N 
_pdbx_unobs_or_zero_occ_atoms.occupancy_flag   1 
_pdbx_unobs_or_zero_occ_atoms.auth_asym_id     A 
_pdbx_unobs_or_zero_occ_atoms.auth_comp_id     GAL 
_pdbx_unobs_or_zero_occ_atoms.auth_seq_id      1 
_pdbx_unobs_or_zero_occ_atoms.PDB_ins_code     ? 
_pdbx_unobs_or_zero_occ_atoms.auth_atom_id     O1 
_pdbx_unobs_or_zero_occ_atoms.label_alt_id     ? 
_pdbx_unobs_or_zero_occ_atoms.label_asym_id    A 
_pdbx_unobs_or_zero_occ_atoms.label_comp_id    GAL 
_pdbx_unobs_or_zero_occ_atoms.label_seq_id     1 
_pdbx_unobs_or_zero_occ_atoms.label_atom_id    O1 
# 
loop_
_software.name 
_software.classification 
_software.version 
_software.citation_id 
_software.pdbx_ordinal 
LINKED-ATOM refinement 'LEAST-SQUARES MODEL-BUILDING PROCEDURE' ? 1 
LALS        refinement .                                        ? 2 
# 
_cell.entry_id           1CAP 
_cell.length_a           20.300 
_cell.length_b           11.780 
_cell.length_c           30.440 
_cell.angle_alpha        90.00 
_cell.angle_beta         90.00 
_cell.angle_gamma        90.00 
_cell.Z_PDB              4 
_cell.pdbx_unique_axis   ? 
_cell.length_a_esd       ? 
_cell.length_b_esd       ? 
_cell.length_c_esd       ? 
_cell.angle_alpha_esd    ? 
_cell.angle_beta_esd     ? 
_cell.angle_gamma_esd    ? 
# 
_symmetry.entry_id                         1CAP 
_symmetry.space_group_name_H-M             'P 21 21 21' 
_symmetry.pdbx_full_space_group_name_H-M   ? 
_symmetry.cell_setting                     ? 
_symmetry.Int_Tables_number                19 
_symmetry.space_group_name_Hall            ? 
# 
_exptl.entry_id          1CAP 
_exptl.method            'FIBER DIFFRACTION' 
_exptl.crystals_number   ? 
# 
_exptl_crystal.id                    1 
_exptl_crystal.density_meas          ? 
_exptl_crystal.density_Matthews      ? 
_exptl_crystal.density_percent_sol   ? 
_exptl_crystal.description           ? 
_exptl_crystal.F_000                 ? 
_exptl_crystal.preparation           ? 
# 
_diffrn.id                     1 
_diffrn.ambient_temp           ? 
_diffrn.ambient_temp_details   ? 
_diffrn.crystal_id             1 
# 
_diffrn_radiation.diffrn_id                        1 
_diffrn_radiation.wavelength_id                    1 
_diffrn_radiation.monochromator                    ? 
_diffrn_radiation.pdbx_monochromatic_or_laue_m_l   ? 
_diffrn_radiation.pdbx_diffrn_protocol             ? 
_diffrn_radiation.pdbx_scattering_type             ? 
# 
_diffrn_radiation_wavelength.id           1 
_diffrn_radiation_wavelength.wavelength   . 
_diffrn_radiation_wavelength.wt           1.0 
# 
_refine.entry_id                                 1CAP 
_refine.ls_number_reflns_obs                     ? 
_refine.ls_number_reflns_all                     ? 
_refine.pdbx_ls_sigma_I                          ? 
_refine.pdbx_ls_sigma_F                          ? 
_refine.pdbx_data_cutoff_high_absF               ? 
_refine.pdbx_data_cutoff_low_absF                ? 
_refine.pdbx_data_cutoff_high_rms_absF           ? 
_refine.ls_d_res_low                             ? 
_refine.ls_d_res_high                            3.0 
_refine.ls_percent_reflns_obs                    ? 
_refine.ls_R_factor_obs                          ? 
_refine.ls_R_factor_all                          ? 
_refine.ls_R_factor_R_work                       ? 
_refine.ls_R_factor_R_free                       ? 
_refine.ls_R_factor_R_free_error                 ? 
_refine.ls_R_factor_R_free_error_details         ? 
_refine.ls_percent_reflns_R_free                 ? 
_refine.ls_number_reflns_R_free                  ? 
_refine.ls_number_parameters                     ? 
_refine.ls_number_restraints                     ? 
_refine.occupancy_min                            ? 
_refine.occupancy_max                            ? 
_refine.B_iso_mean                               ? 
_refine.aniso_B[1][1]                            ? 
_refine.aniso_B[2][2]                            ? 
_refine.aniso_B[3][3]                            ? 
_refine.aniso_B[1][2]                            ? 
_refine.aniso_B[1][3]                            ? 
_refine.aniso_B[2][3]                            ? 
_refine.solvent_model_details                    ? 
_refine.solvent_model_param_ksol                 ? 
_refine.solvent_model_param_bsol                 ? 
_refine.pdbx_ls_cross_valid_method               ? 
_refine.details                                  
;THE SPACE GROUP USED IN THE ANALYSIS OF THIS STRUCTURE IS
P 21 21 21 IN A NON-STANDARD SETTING.  THE EQUIPOINTS FOR
THIS GROUP IN THE SETTING USED ARE-
X,Y,Z
-X,-Y,1/2+Z
-X,1/2+Y,1/2-Z
1/2+X,1/2-Y,-Z
;
_refine.pdbx_starting_model                      ? 
_refine.pdbx_method_to_determine_struct          ? 
_refine.pdbx_isotropic_thermal_model             ? 
_refine.pdbx_stereochemistry_target_values       ? 
_refine.pdbx_stereochem_target_val_spec_case     ? 
_refine.pdbx_R_Free_selection_details            ? 
_refine.pdbx_overall_ESU_R                       ? 
_refine.pdbx_overall_ESU_R_Free                  ? 
_refine.overall_SU_ML                            ? 
_refine.overall_SU_B                             ? 
_refine.pdbx_refine_id                           'FIBER DIFFRACTION' 
_refine.ls_redundancy_reflns_obs                 ? 
_refine.pdbx_overall_phase_error                 ? 
_refine.B_iso_min                                ? 
_refine.B_iso_max                                ? 
_refine.correlation_coeff_Fo_to_Fc               ? 
_refine.correlation_coeff_Fo_to_Fc_free          ? 
_refine.pdbx_solvent_vdw_probe_radii             ? 
_refine.pdbx_solvent_ion_probe_radii             ? 
_refine.pdbx_solvent_shrinkage_radii             ? 
_refine.overall_SU_R_Cruickshank_DPI             ? 
_refine.overall_SU_R_free                        ? 
_refine.ls_wR_factor_R_free                      ? 
_refine.ls_wR_factor_R_work                      ? 
_refine.overall_FOM_free_R_set                   ? 
_refine.overall_FOM_work_R_set                   ? 
_refine.pdbx_diffrn_id                           1 
_refine.pdbx_TLS_residual_ADP_flag               ? 
_refine.pdbx_overall_SU_R_free_Cruickshank_DPI   ? 
_refine.pdbx_overall_SU_R_Blow_DPI               ? 
_refine.pdbx_overall_SU_R_free_Blow_DPI          ? 
# 
_refine_hist.pdbx_refine_id                   'FIBER DIFFRACTION' 
_refine_hist.cycle_id                         LAST 
_refine_hist.pdbx_number_atoms_protein        0 
_refine_hist.pdbx_number_atoms_nucleic_acid   0 
_refine_hist.pdbx_number_atoms_ligand         144 
_refine_hist.number_atoms_solvent             0 
_refine_hist.number_atoms_total               144 
_refine_hist.d_res_high                       3.0 
_refine_hist.d_res_low                        . 
# 
_struct.entry_id                  1CAP 
_struct.title                     
'CONFORMATION AND MOLECULAR ORGANIZATION IN FIBERS OF THE CAPSULAR POLYSACCHARIDE FROM ESCHERICHIA COLI M41 MUTANT' 
_struct.pdbx_model_details        ? 
_struct.pdbx_CASP_flag            ? 
_struct.pdbx_model_type_details   ? 
# 
_struct_keywords.entry_id        1CAP 
_struct_keywords.pdbx_keywords   'BACTERIAL ENCAPSULATION' 
_struct_keywords.text            'BACTERIAL ENCAPSULATION' 
# 
_struct_asym.id                            A 
_struct_asym.pdbx_blank_PDB_chainid_flag   N 
_struct_asym.pdbx_modified                 N 
_struct_asym.entity_id                     1 
_struct_asym.details                       ? 
# 
_pdbx_struct_assembly.id                   1 
_pdbx_struct_assembly.details              author_defined_assembly 
_pdbx_struct_assembly.method_details       ? 
_pdbx_struct_assembly.oligomeric_details   ? 
_pdbx_struct_assembly.oligomeric_count     ? 
# 
_pdbx_struct_assembly_gen.assembly_id       1 
_pdbx_struct_assembly_gen.oper_expression   1 
_pdbx_struct_assembly_gen.asym_id_list      A 
# 
_pdbx_struct_oper_list.id                   1 
_pdbx_struct_oper_list.type                 'identity operation' 
_pdbx_struct_oper_list.name                 1_555 
_pdbx_struct_oper_list.symmetry_operation   x,y,z 
_pdbx_struct_oper_list.matrix[1][1]         1.0000000000 
_pdbx_struct_oper_list.matrix[1][2]         0.0000000000 
_pdbx_struct_oper_list.matrix[1][3]         0.0000000000 
_pdbx_struct_oper_list.vector[1]            0.0000000000 
_pdbx_struct_oper_list.matrix[2][1]         0.0000000000 
_pdbx_struct_oper_list.matrix[2][2]         1.0000000000 
_pdbx_struct_oper_list.matrix[2][3]         0.0000000000 
_pdbx_struct_oper_list.vector[2]            0.0000000000 
_pdbx_struct_oper_list.matrix[3][1]         0.0000000000 
_pdbx_struct_oper_list.matrix[3][2]         0.0000000000 
_pdbx_struct_oper_list.matrix[3][3]         1.0000000000 
_pdbx_struct_oper_list.vector[3]            0.0000000000 
# 
_struct_biol.id                    1 
_struct_biol.details               
;A 21 SCREW AXIS PARALLEL TO Z PASSES THROUGH X=0,Y=0 AND
THE 21 AXIS PARALLEL TO X IS IN THE Z=0 PLANE.  THE SCREW
AXIS PARALLEL TO Z WAS USED TO GENERATE THE TWELVE-RESIDUE
SEGMENT FROM THE PUBLISHED COORDINATES FOR THE SIX-RESIDUE
ASYMMETRIC UNIT.
;
_struct_biol.pdbx_parent_biol_id   ? 
# 
loop_
_struct_conn.id 
_struct_conn.conn_type_id 
_struct_conn.pdbx_leaving_atom_flag 
_struct_conn.pdbx_PDB_id 
_struct_conn.ptnr1_label_asym_id 
_struct_conn.ptnr1_label_comp_id 
_struct_conn.ptnr1_label_seq_id 
_struct_conn.ptnr1_label_atom_id 
_struct_conn.pdbx_ptnr1_label_alt_id 
_struct_conn.pdbx_ptnr1_PDB_ins_code 
_struct_conn.pdbx_ptnr1_standard_comp_id 
_struct_conn.ptnr1_symmetry 
_struct_conn.ptnr2_label_asym_id 
_struct_conn.ptnr2_label_comp_id 
_struct_conn.ptnr2_label_seq_id 
_struct_conn.ptnr2_label_atom_id 
_struct_conn.pdbx_ptnr2_label_alt_id 
_struct_conn.pdbx_ptnr2_PDB_ins_code 
_struct_conn.ptnr1_auth_asym_id 
_struct_conn.ptnr1_auth_comp_id 
_struct_conn.ptnr1_auth_seq_id 
_struct_conn.ptnr2_auth_asym_id 
_struct_conn.ptnr2_auth_comp_id 
_struct_conn.ptnr2_auth_seq_id 
_struct_conn.ptnr2_symmetry 
_struct_conn.pdbx_ptnr3_label_atom_id 
_struct_conn.pdbx_ptnr3_label_seq_id 
_struct_conn.pdbx_ptnr3_label_comp_id 
_struct_conn.pdbx_ptnr3_label_asym_id 
_struct_conn.pdbx_ptnr3_label_alt_id 
_struct_conn.pdbx_ptnr3_PDB_ins_code 
_struct_conn.details 
_struct_conn.pdbx_dist_value 
_struct_conn.pdbx_value_order 
_struct_conn.pdbx_role 
covale1  covale both ? A GAL . O3 ? ? ? 1_555 A BDP . C1 ? ? A GAL 1  A BDP 2  1_555 ? ? ? ? ? ? ? 1.389 ? ? 
covale2  covale both ? A BDP . O3 ? ? ? 1_555 A BGC . C1 ? ? A BDP 2  A BGC 3  1_555 ? ? ? ? ? ? ? 1.390 ? ? 
covale3  covale both ? A BDP . O4 ? ? ? 1_555 A MAN . C1 ? ? A BDP 2  A MAN 11 1_555 ? ? ? ? ? ? ? 1.428 ? ? 
covale4  covale both ? A BGC . O3 ? ? ? 1_555 A MAN . C1 ? ? A BGC 3  A MAN 4  1_555 ? ? ? ? ? ? ? 1.416 ? ? 
covale5  covale both ? A MAN . O2 ? ? ? 1_555 A GAL . C1 ? ? A MAN 4  A GAL 5  1_555 ? ? ? ? ? ? ? 1.414 ? ? 
covale6  covale both ? A GAL . O3 ? ? ? 1_555 A BDP . C1 ? ? A GAL 5  A BDP 6  1_555 ? ? ? ? ? ? ? 1.389 ? ? 
covale7  covale both ? A BDP . O3 ? ? ? 1_555 A BGC . C1 ? ? A BDP 6  A BGC 7  1_555 ? ? ? ? ? ? ? 1.390 ? ? 
covale8  covale both ? A BDP . O4 ? ? ? 1_555 A MAN . C1 ? ? A BDP 6  A MAN 9  1_555 ? ? ? ? ? ? ? 1.428 ? ? 
covale9  covale both ? A BGC . O3 ? ? ? 1_555 A MAN . C1 ? ? A BGC 7  A MAN 8  1_555 ? ? ? ? ? ? ? 1.416 ? ? 
covale10 covale both ? A MAN . O2 ? ? ? 1_555 A CEG . C1 ? ? A MAN 9  A CEG 10 1_555 ? ? ? ? ? ? ? 1.388 ? ? 
covale11 covale both ? A MAN . O2 ? ? ? 1_555 A CEG . C1 ? ? A MAN 11 A CEG 12 1_555 ? ? ? ? ? ? ? 1.388 ? ? 
# 
_struct_conn_type.id          covale 
_struct_conn_type.criteria    ? 
_struct_conn_type.reference   ? 
# 
loop_
_pdbx_validate_symm_contact.id 
_pdbx_validate_symm_contact.PDB_model_num 
_pdbx_validate_symm_contact.auth_atom_id_1 
_pdbx_validate_symm_contact.auth_asym_id_1 
_pdbx_validate_symm_contact.auth_comp_id_1 
_pdbx_validate_symm_contact.auth_seq_id_1 
_pdbx_validate_symm_contact.PDB_ins_code_1 
_pdbx_validate_symm_contact.label_alt_id_1 
_pdbx_validate_symm_contact.site_symmetry_1 
_pdbx_validate_symm_contact.auth_atom_id_2 
_pdbx_validate_symm_contact.auth_asym_id_2 
_pdbx_validate_symm_contact.auth_comp_id_2 
_pdbx_validate_symm_contact.auth_seq_id_2 
_pdbx_validate_symm_contact.PDB_ins_code_2 
_pdbx_validate_symm_contact.label_alt_id_2 
_pdbx_validate_symm_contact.site_symmetry_2 
_pdbx_validate_symm_contact.dist 
1   1 C2  A MAN 4  ? ? 1_555 C2  A MAN 8  ? ? 3_556 0.62 
2   1 C4  A GAL 5  ? ? 1_555 O4  A BGC 7  ? ? 3_556 0.62 
3   1 C4  A GAL 1  ? ? 1_555 O4  A BGC 3  ? ? 3_545 0.62 
4   1 C1  A BGC 7  ? ? 1_555 O4  A MAN 9  ? ? 3_556 0.63 
5   1 C1  A BGC 3  ? ? 1_555 O4  A MAN 11 ? ? 3_545 0.63 
6   1 C1  A GAL 5  ? ? 1_555 C1  A MAN 8  ? ? 3_556 0.68 
7   1 C1  A GAL 1  ? ? 1_555 C1  A MAN 4  ? ? 3_545 0.68 
8   1 H62 A MAN 8  ? ? 1_555 C9  A CEG 12 ? ? 3_546 0.68 
9   1 H62 A MAN 4  ? ? 1_555 C9  A CEG 10 ? ? 3_556 0.68 
10  1 H1  A GAL 5  ? ? 1_555 O5  A MAN 8  ? ? 3_556 0.72 
11  1 H1  A GAL 1  ? ? 1_555 O5  A MAN 4  ? ? 3_545 0.72 
12  1 O5  A GAL 5  ? ? 1_555 H1  A MAN 8  ? ? 3_556 0.74 
13  1 O5  A GAL 1  ? ? 1_555 H1  A MAN 4  ? ? 3_545 0.74 
14  1 H62 A MAN 4  ? ? 1_555 H9A A CEG 10 ? ? 3_556 0.75 
15  1 H62 A MAN 8  ? ? 1_555 H9A A CEG 12 ? ? 3_546 0.75 
16  1 H2  A GAL 1  ? ? 1_555 C2  A BGC 3  ? ? 3_545 0.78 
17  1 H2  A GAL 5  ? ? 1_555 C2  A BGC 7  ? ? 3_556 0.78 
18  1 C6  A GAL 1  ? ? 1_555 O6  A GAL 5  ? ? 3_545 0.82 
19  1 O6  A GAL 1  ? ? 1_555 C6  A GAL 5  ? ? 3_545 0.82 
20  1 C2  A GAL 5  ? ? 1_555 O3  A BGC 7  ? ? 3_556 0.83 
21  1 C2  A GAL 1  ? ? 1_555 O3  A BGC 3  ? ? 3_545 0.83 
22  1 C4  A GAL 1  ? ? 1_555 C4  A BGC 3  ? ? 3_545 0.83 
23  1 C4  A GAL 5  ? ? 1_555 C4  A BGC 7  ? ? 3_556 0.83 
24  1 C2  A MAN 4  ? ? 1_555 O2  A MAN 8  ? ? 3_556 0.84 
25  1 O2  A MAN 4  ? ? 1_555 C2  A MAN 8  ? ? 3_556 0.84 
26  1 C3  A GAL 1  ? ? 1_555 H4  A BGC 3  ? ? 3_545 0.87 
27  1 C3  A GAL 5  ? ? 1_555 H4  A BGC 7  ? ? 3_556 0.87 
28  1 C1  A GAL 1  ? ? 1_555 O3  A BGC 3  ? ? 3_545 0.87 
29  1 C1  A GAL 5  ? ? 1_555 O3  A BGC 7  ? ? 3_556 0.87 
30  1 H2  A GAL 5  ? ? 1_555 C3  A BGC 7  ? ? 3_556 0.90 
31  1 H2  A GAL 1  ? ? 1_555 C3  A BGC 3  ? ? 3_545 0.90 
32  1 O3  A MAN 4  ? ? 1_555 O3  A MAN 8  ? ? 3_556 0.92 
33  1 O2  A BDP 6  ? ? 1_555 C2  A MAN 9  ? ? 3_556 0.97 
34  1 O2  A BDP 2  ? ? 1_555 C2  A MAN 11 ? ? 3_545 0.97 
35  1 C3  A BDP 6  ? ? 1_555 O3  A MAN 9  ? ? 3_556 0.97 
36  1 C3  A BDP 2  ? ? 1_555 O3  A MAN 11 ? ? 3_545 0.97 
37  1 O6  A GAL 1  ? ? 1_555 H62 A GAL 5  ? ? 3_545 0.98 
38  1 H62 A GAL 1  ? ? 1_555 O6  A GAL 5  ? ? 3_545 0.98 
39  1 C2  A GAL 1  ? ? 1_555 C3  A BGC 3  ? ? 3_545 0.98 
40  1 C2  A GAL 5  ? ? 1_555 C3  A BGC 7  ? ? 3_556 0.98 
41  1 H4  A GAL 5  ? ? 1_555 O4  A BGC 7  ? ? 3_556 1.02 
42  1 H4  A GAL 1  ? ? 1_555 O4  A BGC 3  ? ? 3_545 1.02 
43  1 O3  A GAL 5  ? ? 1_555 H4  A BGC 7  ? ? 3_556 1.03 
44  1 O3  A GAL 1  ? ? 1_555 H4  A BGC 3  ? ? 3_545 1.03 
45  1 C2  A BDP 2  ? ? 1_555 C3  A MAN 11 ? ? 3_545 1.04 
46  1 C2  A BDP 6  ? ? 1_555 C3  A MAN 9  ? ? 3_556 1.04 
47  1 C3  A MAN 4  ? ? 1_555 O3  A MAN 8  ? ? 3_556 1.05 
48  1 O3  A MAN 4  ? ? 1_555 C3  A MAN 8  ? ? 3_556 1.05 
49  1 O4  A GAL 1  ? ? 1_555 H5  A BGC 3  ? ? 3_545 1.06 
50  1 O4  A GAL 5  ? ? 1_555 H5  A BGC 7  ? ? 3_556 1.06 
51  1 O5  A BGC 3  ? ? 1_555 O4  A MAN 11 ? ? 3_545 1.09 
52  1 O5  A BGC 7  ? ? 1_555 O4  A MAN 9  ? ? 3_556 1.09 
53  1 C2  A BDP 2  ? ? 1_555 H3  A MAN 11 ? ? 3_545 1.09 
54  1 C2  A BDP 6  ? ? 1_555 H3  A MAN 9  ? ? 3_556 1.09 
55  1 C3  A BDP 2  ? ? 1_555 C3  A MAN 11 ? ? 3_545 1.10 
56  1 C3  A BDP 6  ? ? 1_555 C3  A MAN 9  ? ? 3_556 1.10 
57  1 H1  A BGC 7  ? ? 1_555 O4  A MAN 9  ? ? 3_556 1.10 
58  1 H1  A BGC 3  ? ? 1_555 O4  A MAN 11 ? ? 3_545 1.10 
59  1 O4  A GAL 1  ? ? 1_555 C5  A BGC 3  ? ? 3_545 1.11 
60  1 O4  A GAL 5  ? ? 1_555 C5  A BGC 7  ? ? 3_556 1.11 
61  1 O6  A BGC 3  ? ? 1_555 O3  A CEG 10 ? ? 2_454 1.11 
62  1 O6  A BGC 7  ? ? 1_555 O3  A CEG 12 ? ? 2_555 1.11 
63  1 C1  A MAN 4  ? ? 1_555 O2  A MAN 8  ? ? 3_556 1.12 
64  1 O2  A MAN 4  ? ? 1_555 C1  A MAN 8  ? ? 3_556 1.12 
65  1 H3  A GAL 5  ? ? 1_555 H5  A CEG 10 ? ? 3_556 1.13 
66  1 H3  A GAL 1  ? ? 1_555 H5  A CEG 12 ? ? 3_545 1.13 
67  1 C5  A MAN 8  ? ? 1_555 H9B A CEG 12 ? ? 3_546 1.13 
68  1 C5  A MAN 4  ? ? 1_555 H9B A CEG 10 ? ? 3_556 1.13 
69  1 H3  A BDP 6  ? ? 1_555 O3  A MAN 9  ? ? 3_556 1.15 
70  1 H3  A BDP 2  ? ? 1_555 O3  A MAN 11 ? ? 3_545 1.15 
71  1 C3  A GAL 1  ? ? 1_555 C4  A BGC 3  ? ? 3_545 1.19 
72  1 C3  A GAL 5  ? ? 1_555 C4  A BGC 7  ? ? 3_556 1.19 
73  1 O6  A GAL 1  ? ? 1_555 O6  A GAL 5  ? ? 3_545 1.19 
74  1 O3  A GAL 1  ? ? 1_555 H2  A MAN 11 ? ? 3_545 1.22 
75  1 O3  A GAL 5  ? ? 1_555 H2  A MAN 9  ? ? 3_556 1.22 
76  1 H2  A MAN 4  ? ? 1_555 O2  A MAN 8  ? ? 3_556 1.24 
77  1 O2  A MAN 4  ? ? 1_555 H2  A MAN 8  ? ? 3_556 1.24 
78  1 O2  A BDP 2  ? ? 1_555 C1  A MAN 11 ? ? 3_545 1.24 
79  1 O2  A BDP 6  ? ? 1_555 C1  A MAN 9  ? ? 3_556 1.24 
80  1 C5  A GAL 1  ? ? 1_555 O4  A BGC 3  ? ? 3_545 1.25 
81  1 C5  A GAL 5  ? ? 1_555 O4  A BGC 7  ? ? 3_556 1.25 
82  1 O4  A GAL 1  ? ? 1_555 C4  A BGC 3  ? ? 3_545 1.25 
83  1 O4  A GAL 5  ? ? 1_555 C4  A BGC 7  ? ? 3_556 1.25 
84  1 C1  A BDP 2  ? ? 1_555 H2  A MAN 11 ? ? 3_545 1.27 
85  1 C1  A BDP 6  ? ? 1_555 H2  A MAN 9  ? ? 3_556 1.27 
86  1 H1  A GAL 5  ? ? 1_555 C1  A MAN 8  ? ? 3_556 1.29 
87  1 H1  A GAL 1  ? ? 1_555 C1  A MAN 4  ? ? 3_545 1.29 
88  1 H4  A MAN 4  ? ? 1_555 O4  A CEG 10 ? ? 3_556 1.30 
89  1 H4  A MAN 8  ? ? 1_555 O4  A CEG 12 ? ? 3_546 1.30 
90  1 H2  A BDP 2  ? ? 1_555 H3  A MAN 11 ? ? 3_545 1.32 
91  1 H2  A BDP 6  ? ? 1_555 H3  A MAN 9  ? ? 3_556 1.32 
92  1 C4  A MAN 8  ? ? 1_555 H9B A CEG 12 ? ? 3_546 1.32 
93  1 C4  A MAN 4  ? ? 1_555 H9B A CEG 10 ? ? 3_556 1.32 
94  1 H3  A BDP 6  ? ? 1_555 C3  A MAN 9  ? ? 3_556 1.32 
95  1 H3  A BDP 2  ? ? 1_555 C3  A MAN 11 ? ? 3_545 1.32 
96  1 C3  A BDP 2  ? ? 1_555 H3  A MAN 11 ? ? 3_545 1.36 
97  1 C3  A BDP 6  ? ? 1_555 H3  A MAN 9  ? ? 3_556 1.36 
98  1 C6  A MAN 8  ? ? 1_555 H9A A CEG 12 ? ? 3_546 1.36 
99  1 C6  A MAN 4  ? ? 1_555 H9A A CEG 10 ? ? 3_556 1.36 
100 1 H1  A GAL 5  ? ? 1_555 C5  A MAN 8  ? ? 3_556 1.37 
101 1 H1  A GAL 1  ? ? 1_555 C5  A MAN 4  ? ? 3_545 1.37 
102 1 O2  A BDP 6  ? ? 1_555 C3  A MAN 9  ? ? 3_556 1.39 
103 1 O2  A BDP 2  ? ? 1_555 C3  A MAN 11 ? ? 3_545 1.39 
104 1 C6  A MAN 8  ? ? 1_555 H9B A CEG 12 ? ? 3_546 1.39 
105 1 C6  A MAN 4  ? ? 1_555 H9B A CEG 10 ? ? 3_556 1.39 
106 1 O5  A GAL 5  ? ? 1_555 C1  A MAN 8  ? ? 3_556 1.40 
107 1 O5  A GAL 1  ? ? 1_555 C1  A MAN 4  ? ? 3_545 1.40 
108 1 H1  A BDP 2  ? ? 1_555 O2  A MAN 11 ? ? 3_545 1.40 
109 1 H1  A BDP 6  ? ? 1_555 O2  A MAN 9  ? ? 3_556 1.40 
110 1 C1  A GAL 1  ? ? 1_555 O2  A MAN 8  ? ? 1_554 1.41 
111 1 H1  A BDP 6  ? ? 1_555 O5  A CEG 10 ? ? 3_556 1.43 
112 1 H1  A BDP 2  ? ? 1_555 O5  A CEG 12 ? ? 3_545 1.43 
113 1 H1  A BDP 6  ? ? 1_555 C1  A CEG 10 ? ? 3_556 1.43 
114 1 H1  A BDP 2  ? ? 1_555 C1  A CEG 12 ? ? 3_545 1.43 
115 1 C3  A MAN 4  ? ? 1_555 C3  A MAN 8  ? ? 3_556 1.44 
116 1 C4  A BDP 2  ? ? 1_555 O3  A MAN 11 ? ? 3_545 1.44 
117 1 C4  A BDP 6  ? ? 1_555 O3  A MAN 9  ? ? 3_556 1.44 
118 1 H3  A BDP 2  ? ? 1_555 C4  A MAN 11 ? ? 3_545 1.44 
119 1 H3  A BDP 6  ? ? 1_555 C4  A MAN 9  ? ? 3_556 1.44 
120 1 C1  A GAL 5  ? ? 1_555 H1  A MAN 8  ? ? 3_556 1.45 
121 1 C1  A GAL 1  ? ? 1_555 H1  A MAN 4  ? ? 3_545 1.45 
122 1 H62 A MAN 8  ? ? 1_555 C7  A CEG 12 ? ? 3_546 1.48 
123 1 H62 A MAN 4  ? ? 1_555 C7  A CEG 10 ? ? 3_556 1.48 
124 1 C2  A BDP 2  ? ? 1_555 C2  A MAN 11 ? ? 3_545 1.49 
125 1 C2  A BDP 6  ? ? 1_555 C2  A MAN 9  ? ? 3_556 1.49 
126 1 H1  A BGC 7  ? ? 1_555 C4  A MAN 9  ? ? 3_556 1.50 
127 1 H1  A BGC 3  ? ? 1_555 C4  A MAN 11 ? ? 3_545 1.50 
128 1 C4  A GAL 1  ? ? 1_555 H4  A BGC 3  ? ? 3_545 1.50 
129 1 C4  A GAL 5  ? ? 1_555 H4  A BGC 7  ? ? 3_556 1.50 
130 1 C2  A BDP 6  ? ? 1_555 H2  A MAN 9  ? ? 3_556 1.51 
131 1 C2  A BDP 2  ? ? 1_555 H2  A MAN 11 ? ? 3_545 1.51 
132 1 O3  A BDP 6  ? ? 1_555 H3  A MAN 9  ? ? 3_556 1.51 
133 1 O3  A BDP 2  ? ? 1_555 H3  A MAN 11 ? ? 3_545 1.51 
134 1 C2  A MAN 4  ? ? 1_555 H2  A MAN 8  ? ? 3_556 1.51 
135 1 H2  A MAN 4  ? ? 1_555 C2  A MAN 8  ? ? 3_556 1.51 
136 1 C1  A GAL 5  ? ? 1_555 O5  A MAN 8  ? ? 3_556 1.54 
137 1 C1  A GAL 1  ? ? 1_555 O5  A MAN 4  ? ? 3_545 1.54 
138 1 H2  A GAL 1  ? ? 1_555 O2  A BGC 3  ? ? 3_545 1.54 
139 1 H2  A GAL 5  ? ? 1_555 O2  A BGC 7  ? ? 3_556 1.54 
140 1 C5  A GAL 5  ? ? 1_555 H1  A MAN 8  ? ? 3_556 1.55 
141 1 C5  A GAL 1  ? ? 1_555 H1  A MAN 4  ? ? 3_545 1.55 
142 1 C6  A MAN 8  ? ? 1_555 C9  A CEG 12 ? ? 3_546 1.55 
143 1 C6  A MAN 4  ? ? 1_555 C9  A CEG 10 ? ? 3_556 1.55 
144 1 C4  A MAN 4  ? ? 1_555 O3  A MAN 8  ? ? 3_556 1.56 
145 1 O3  A MAN 4  ? ? 1_555 C4  A MAN 8  ? ? 3_556 1.56 
146 1 C3  A GAL 5  ? ? 1_555 C3  A BGC 7  ? ? 3_556 1.57 
147 1 C3  A GAL 1  ? ? 1_555 C3  A BGC 3  ? ? 3_545 1.57 
148 1 O3  A BGC 3  ? ? 1_555 O2  A MAN 8  ? ? 3_556 1.58 
149 1 O2  A MAN 4  ? ? 1_555 O3  A BGC 7  ? ? 3_556 1.58 
150 1 O3  A BDP 2  ? ? 1_555 O4  A MAN 11 ? ? 3_545 1.59 
151 1 O3  A BDP 6  ? ? 1_555 O4  A MAN 9  ? ? 3_556 1.59 
152 1 O2  A BDP 2  ? ? 1_555 H3  A MAN 11 ? ? 3_545 1.60 
153 1 O2  A BDP 6  ? ? 1_555 H3  A MAN 9  ? ? 3_556 1.60 
154 1 C2  A GAL 1  ? ? 1_555 C2  A BGC 3  ? ? 3_545 1.61 
155 1 C2  A GAL 5  ? ? 1_555 C2  A BGC 7  ? ? 3_556 1.61 
156 1 O4  A GAL 5  ? ? 1_555 O4  A BGC 7  ? ? 3_556 1.61 
157 1 O4  A GAL 1  ? ? 1_555 O4  A BGC 3  ? ? 3_545 1.61 
158 1 O6  A MAN 4  ? ? 1_555 O6  A CEG 10 ? ? 3_556 1.62 
159 1 O6  A MAN 8  ? ? 1_555 O6  A CEG 12 ? ? 3_546 1.62 
160 1 C2  A BDP 6  ? ? 1_555 O3  A MAN 9  ? ? 3_556 1.65 
161 1 C2  A BDP 2  ? ? 1_555 O3  A MAN 11 ? ? 3_545 1.65 
162 1 O2  A BDP 2  ? ? 1_555 O4  A BDP 2  ? ? 3_545 1.65 
163 1 O2  A BDP 6  ? ? 1_555 O4  A BDP 6  ? ? 3_556 1.65 
164 1 C2  A MAN 4  ? ? 1_555 C3  A MAN 8  ? ? 3_556 1.73 
165 1 C3  A MAN 4  ? ? 1_555 C2  A MAN 8  ? ? 3_556 1.73 
166 1 C3  A MAN 4  ? ? 1_555 O2  A MAN 8  ? ? 3_556 1.75 
167 1 O2  A MAN 4  ? ? 1_555 C3  A MAN 8  ? ? 3_556 1.75 
168 1 C3  A GAL 5  ? ? 1_555 O3  A BGC 7  ? ? 3_556 1.75 
169 1 C3  A GAL 1  ? ? 1_555 O3  A BGC 3  ? ? 3_545 1.75 
170 1 O3  A GAL 5  ? ? 1_555 C4  A BGC 7  ? ? 3_556 1.76 
171 1 O3  A GAL 1  ? ? 1_555 C4  A BGC 3  ? ? 3_545 1.76 
172 1 O2  A GAL 5  ? ? 1_555 O3  A BGC 7  ? ? 3_556 1.77 
173 1 O2  A GAL 1  ? ? 1_555 O3  A BGC 3  ? ? 3_545 1.77 
174 1 C5  A BDP 2  ? ? 1_555 O3  A MAN 11 ? ? 3_545 1.77 
175 1 C5  A BDP 6  ? ? 1_555 O3  A MAN 9  ? ? 3_556 1.77 
176 1 C1  A BDP 2  ? ? 1_555 C2  A MAN 11 ? ? 3_545 1.77 
177 1 C1  A BDP 6  ? ? 1_555 C2  A MAN 9  ? ? 3_556 1.77 
178 1 O8B A CEG 10 ? ? 1_555 O8B A CEG 12 ? ? 3_536 1.80 
179 1 C2  A MAN 4  ? ? 1_555 C1  A MAN 8  ? ? 3_556 1.81 
180 1 C1  A MAN 4  ? ? 1_555 C2  A MAN 8  ? ? 3_556 1.81 
181 1 C1  A GAL 1  ? ? 1_555 C3  A BGC 3  ? ? 3_545 1.81 
182 1 C1  A GAL 5  ? ? 1_555 C3  A BGC 7  ? ? 3_556 1.81 
183 1 C5  A GAL 1  ? ? 1_555 O6  A GAL 5  ? ? 3_545 1.86 
184 1 O6  A GAL 1  ? ? 1_555 C5  A GAL 5  ? ? 3_545 1.86 
185 1 C1  A BGC 7  ? ? 1_555 C4  A MAN 9  ? ? 3_556 1.86 
186 1 C1  A BGC 3  ? ? 1_555 C4  A MAN 11 ? ? 3_545 1.86 
187 1 O5  A GAL 1  ? ? 1_555 O3  A BGC 3  ? ? 3_545 1.94 
188 1 O5  A GAL 5  ? ? 1_555 O3  A BGC 7  ? ? 3_556 1.94 
189 1 O3  A BDP 6  ? ? 1_555 C3  A MAN 9  ? ? 3_556 1.94 
190 1 O3  A BDP 2  ? ? 1_555 C3  A MAN 11 ? ? 3_545 1.94 
191 1 C1  A BDP 2  ? ? 1_555 O3  A MAN 11 ? ? 3_545 1.94 
192 1 C1  A BDP 6  ? ? 1_555 O3  A MAN 9  ? ? 3_556 1.94 
193 1 C4  A GAL 1  ? ? 1_555 C3  A BGC 3  ? ? 3_545 1.94 
194 1 C4  A GAL 5  ? ? 1_555 C3  A BGC 7  ? ? 3_556 1.94 
195 1 O4  A MAN 4  ? ? 1_555 C9  A CEG 10 ? ? 3_556 1.95 
196 1 O4  A MAN 8  ? ? 1_555 C9  A CEG 12 ? ? 3_546 1.95 
197 1 C3  A BDP 2  ? ? 1_555 C4  A MAN 11 ? ? 3_545 1.96 
198 1 C3  A BDP 6  ? ? 1_555 C4  A MAN 9  ? ? 3_556 1.96 
199 1 C6  A GAL 1  ? ? 1_555 C6  A GAL 5  ? ? 3_545 1.99 
200 1 C6  A GAL 1  ? ? 1_555 O4  A BGC 3  ? ? 3_545 2.00 
201 1 C6  A GAL 5  ? ? 1_555 O4  A BGC 7  ? ? 3_556 2.00 
202 1 O4  A MAN 4  ? ? 1_555 O3  A MAN 8  ? ? 3_556 2.01 
203 1 O3  A MAN 4  ? ? 1_555 O4  A MAN 8  ? ? 3_556 2.01 
204 1 C1  A GAL 5  ? ? 1_555 C2  A MAN 8  ? ? 3_556 2.04 
205 1 C1  A GAL 1  ? ? 1_555 C2  A MAN 4  ? ? 3_545 2.04 
206 1 O5  A GAL 1  ? ? 1_555 C3  A BGC 3  ? ? 3_545 2.04 
207 1 O5  A GAL 5  ? ? 1_555 C3  A BGC 7  ? ? 3_556 2.04 
208 1 C4  A GAL 1  ? ? 1_555 C5  A BGC 3  ? ? 3_545 2.06 
209 1 C4  A GAL 5  ? ? 1_555 C5  A BGC 7  ? ? 3_556 2.06 
210 1 O3  A BDP 2  ? ? 1_555 C4  A MAN 11 ? ? 3_545 2.08 
211 1 O3  A BDP 6  ? ? 1_555 C4  A MAN 9  ? ? 3_556 2.08 
212 1 O4  A GAL 5  ? ? 1_555 C3  A BGC 7  ? ? 3_556 2.08 
213 1 O4  A GAL 1  ? ? 1_555 C3  A BGC 3  ? ? 3_545 2.08 
214 1 O2  A BDP 2  ? ? 1_555 O5  A MAN 11 ? ? 3_545 2.08 
215 1 O2  A BDP 6  ? ? 1_555 O5  A MAN 9  ? ? 3_556 2.08 
216 1 O6  A BGC 3  ? ? 1_555 C3  A CEG 10 ? ? 2_454 2.08 
217 1 O6  A BGC 7  ? ? 1_555 C3  A CEG 12 ? ? 2_555 2.08 
218 1 C2  A BGC 7  ? ? 1_555 O4  A MAN 9  ? ? 3_556 2.09 
219 1 C2  A BGC 3  ? ? 1_555 O4  A MAN 11 ? ? 3_545 2.09 
220 1 C3  A GAL 5  ? ? 1_555 O4  A BGC 7  ? ? 3_556 2.10 
221 1 C3  A GAL 1  ? ? 1_555 O4  A BGC 3  ? ? 3_545 2.10 
222 1 C5  A BGC 7  ? ? 1_555 O4  A MAN 9  ? ? 3_556 2.12 
223 1 C5  A BGC 3  ? ? 1_555 O4  A MAN 11 ? ? 3_545 2.12 
224 1 O5  A GAL 5  ? ? 1_555 O5  A MAN 8  ? ? 3_556 2.12 
225 1 O5  A GAL 1  ? ? 1_555 O5  A MAN 4  ? ? 3_545 2.12 
226 1 C2  A GAL 1  ? ? 1_555 C4  A BGC 3  ? ? 3_545 2.12 
227 1 C2  A GAL 5  ? ? 1_555 C4  A BGC 7  ? ? 3_556 2.12 
228 1 O2  A GAL 1  ? ? 1_555 C2  A BGC 3  ? ? 3_545 2.13 
229 1 O2  A GAL 5  ? ? 1_555 C2  A BGC 7  ? ? 3_556 2.13 
230 1 C4  A MAN 4  ? ? 1_555 C9  A CEG 10 ? ? 3_556 2.13 
231 1 C4  A MAN 8  ? ? 1_555 C9  A CEG 12 ? ? 3_546 2.13 
232 1 C5  A MAN 8  ? ? 1_555 C9  A CEG 12 ? ? 3_546 2.14 
233 1 C5  A MAN 4  ? ? 1_555 C9  A CEG 10 ? ? 3_556 2.14 
234 1 C6  A MAN 4  ? ? 1_555 O6  A CEG 10 ? ? 3_556 2.14 
235 1 C6  A MAN 8  ? ? 1_555 O6  A CEG 12 ? ? 3_546 2.14 
236 1 C1  A BDP 2  ? ? 1_555 C3  A MAN 11 ? ? 3_545 2.16 
237 1 C1  A BDP 6  ? ? 1_555 C3  A MAN 9  ? ? 3_556 2.16 
238 1 C2  A GAL 5  ? ? 1_555 C1  A MAN 8  ? ? 3_556 2.16 
239 1 C2  A GAL 1  ? ? 1_555 C1  A MAN 4  ? ? 3_545 2.16 
240 1 O5  A GAL 1  ? ? 1_555 O6  A GAL 5  ? ? 3_545 2.18 
241 1 O6  A GAL 1  ? ? 1_555 O5  A GAL 5  ? ? 3_545 2.18 
242 1 C1  A BDP 2  ? ? 1_555 O2  A MAN 11 ? ? 3_545 2.19 
243 1 C1  A BDP 6  ? ? 1_555 O2  A MAN 9  ? ? 3_556 2.19 
244 1 O5  A BDP 2  ? ? 1_555 O3  A MAN 11 ? ? 3_545 2.19 
245 1 O5  A BDP 6  ? ? 1_555 O3  A MAN 9  ? ? 3_556 2.19 
# 
_pdbx_validate_chiral.id              1 
_pdbx_validate_chiral.PDB_model_num   1 
_pdbx_validate_chiral.auth_atom_id    C1 
_pdbx_validate_chiral.label_alt_id    ? 
_pdbx_validate_chiral.auth_asym_id    A 
_pdbx_validate_chiral.auth_comp_id    GAL 
_pdbx_validate_chiral.auth_seq_id     5 
_pdbx_validate_chiral.PDB_ins_code    ? 
_pdbx_validate_chiral.details         'WRONG HAND' 
_pdbx_validate_chiral.omega           . 
# 
loop_
_chem_comp_atom.comp_id 
_chem_comp_atom.atom_id 
_chem_comp_atom.type_symbol 
_chem_comp_atom.pdbx_aromatic_flag 
_chem_comp_atom.pdbx_stereo_config 
_chem_comp_atom.pdbx_ordinal 
BDP C1   C N R 1   
BDP C2   C N R 2   
BDP C3   C N S 3   
BDP C4   C N S 4   
BDP C5   C N S 5   
BDP C6   C N N 6   
BDP O2   O N N 7   
BDP O3   O N N 8   
BDP O4   O N N 9   
BDP O5   O N N 10  
BDP O6A  O N N 11  
BDP O1   O N N 12  
BDP O6B  O N N 13  
BDP H1   H N N 14  
BDP H2   H N N 15  
BDP H3   H N N 16  
BDP H4   H N N 17  
BDP H5   H N N 18  
BDP HO2  H N N 19  
BDP HO3  H N N 20  
BDP HO4  H N N 21  
BDP HO1  H N N 22  
BDP HO6B H N N 23  
BGC C2   C N R 24  
BGC C3   C N S 25  
BGC C4   C N S 26  
BGC C5   C N R 27  
BGC C6   C N N 28  
BGC C1   C N R 29  
BGC O1   O N N 30  
BGC O2   O N N 31  
BGC O3   O N N 32  
BGC O4   O N N 33  
BGC O5   O N N 34  
BGC O6   O N N 35  
BGC H2   H N N 36  
BGC H3   H N N 37  
BGC H4   H N N 38  
BGC H5   H N N 39  
BGC H61  H N N 40  
BGC H62  H N N 41  
BGC H1   H N N 42  
BGC HO1  H N N 43  
BGC HO2  H N N 44  
BGC HO3  H N N 45  
BGC HO4  H N N 46  
BGC HO6  H N N 47  
CEG C1   C N R 48  
CEG C2   C N R 49  
CEG C3   C N R 50  
CEG C4   C N S 51  
CEG C5   C N R 52  
CEG C6   C N N 53  
CEG C7   C N S 54  
CEG C8   C N N 55  
CEG C9   C N N 56  
CEG O1   O N N 57  
CEG O2   O N N 58  
CEG O3   O N N 59  
CEG O4   O N N 60  
CEG O5   O N N 61  
CEG O6   O N N 62  
CEG O8A  O N N 63  
CEG O8B  O N N 64  
CEG H1   H N N 65  
CEG H2   H N N 66  
CEG H3   H N N 67  
CEG H4   H N N 68  
CEG H5   H N N 69  
CEG H61  H N N 70  
CEG H62  H N N 71  
CEG H9A  H N N 72  
CEG H9B  H N N 73  
CEG H9C  H N N 74  
CEG HO1  H N N 75  
CEG HO2  H N N 76  
CEG HO3  H N N 77  
CEG HOB8 H N N 78  
GAL C1   C N R 79  
GAL C2   C N R 80  
GAL C3   C N S 81  
GAL C4   C N R 82  
GAL C5   C N R 83  
GAL C6   C N N 84  
GAL O1   O N N 85  
GAL O2   O N N 86  
GAL O3   O N N 87  
GAL O4   O N N 88  
GAL O5   O N N 89  
GAL O6   O N N 90  
GAL H1   H N N 91  
GAL H2   H N N 92  
GAL H3   H N N 93  
GAL H4   H N N 94  
GAL H5   H N N 95  
GAL H61  H N N 96  
GAL H62  H N N 97  
GAL HO1  H N N 98  
GAL HO2  H N N 99  
GAL HO3  H N N 100 
GAL HO4  H N N 101 
GAL HO6  H N N 102 
MAN C1   C N S 103 
MAN C2   C N S 104 
MAN C3   C N S 105 
MAN C4   C N S 106 
MAN C5   C N R 107 
MAN C6   C N N 108 
MAN O1   O N N 109 
MAN O2   O N N 110 
MAN O3   O N N 111 
MAN O4   O N N 112 
MAN O5   O N N 113 
MAN O6   O N N 114 
MAN H1   H N N 115 
MAN H2   H N N 116 
MAN H3   H N N 117 
MAN H4   H N N 118 
MAN H5   H N N 119 
MAN H61  H N N 120 
MAN H62  H N N 121 
MAN HO1  H N N 122 
MAN HO2  H N N 123 
MAN HO3  H N N 124 
MAN HO4  H N N 125 
MAN HO6  H N N 126 
# 
loop_
_chem_comp_bond.comp_id 
_chem_comp_bond.atom_id_1 
_chem_comp_bond.atom_id_2 
_chem_comp_bond.value_order 
_chem_comp_bond.pdbx_aromatic_flag 
_chem_comp_bond.pdbx_stereo_config 
_chem_comp_bond.pdbx_ordinal 
BDP C1  C2   sing N N 1   
BDP C1  O5   sing N N 2   
BDP C1  O1   sing N N 3   
BDP C1  H1   sing N N 4   
BDP C2  C3   sing N N 5   
BDP C2  O2   sing N N 6   
BDP C2  H2   sing N N 7   
BDP C3  C4   sing N N 8   
BDP C3  O3   sing N N 9   
BDP C3  H3   sing N N 10  
BDP C4  C5   sing N N 11  
BDP C4  O4   sing N N 12  
BDP C4  H4   sing N N 13  
BDP C5  C6   sing N N 14  
BDP C5  O5   sing N N 15  
BDP C5  H5   sing N N 16  
BDP C6  O6A  doub N N 17  
BDP C6  O6B  sing N N 18  
BDP O2  HO2  sing N N 19  
BDP O3  HO3  sing N N 20  
BDP O4  HO4  sing N N 21  
BDP O1  HO1  sing N N 22  
BDP O6B HO6B sing N N 23  
BGC C2  C3   sing N N 24  
BGC C2  C1   sing N N 25  
BGC C2  O2   sing N N 26  
BGC C2  H2   sing N N 27  
BGC C3  C4   sing N N 28  
BGC C3  O3   sing N N 29  
BGC C3  H3   sing N N 30  
BGC C4  C5   sing N N 31  
BGC C4  O4   sing N N 32  
BGC C4  H4   sing N N 33  
BGC C5  C6   sing N N 34  
BGC C5  O5   sing N N 35  
BGC C5  H5   sing N N 36  
BGC C6  O6   sing N N 37  
BGC C6  H61  sing N N 38  
BGC C6  H62  sing N N 39  
BGC C1  O1   sing N N 40  
BGC C1  O5   sing N N 41  
BGC C1  H1   sing N N 42  
BGC O1  HO1  sing N N 43  
BGC O2  HO2  sing N N 44  
BGC O3  HO3  sing N N 45  
BGC O4  HO4  sing N N 46  
BGC O6  HO6  sing N N 47  
CEG C1  C2   sing N N 48  
CEG C1  O1   sing N N 49  
CEG C1  O5   sing N N 50  
CEG C1  H1   sing N N 51  
CEG C2  C3   sing N N 52  
CEG C2  O2   sing N N 53  
CEG C2  H2   sing N N 54  
CEG C3  C4   sing N N 55  
CEG C3  O3   sing N N 56  
CEG C3  H3   sing N N 57  
CEG C4  C5   sing N N 58  
CEG C4  O4   sing N N 59  
CEG C4  H4   sing N N 60  
CEG C5  C6   sing N N 61  
CEG C5  O5   sing N N 62  
CEG C5  H5   sing N N 63  
CEG C6  O6   sing N N 64  
CEG C6  H61  sing N N 65  
CEG C6  H62  sing N N 66  
CEG C7  C8   sing N N 67  
CEG C7  C9   sing N N 68  
CEG C7  O4   sing N N 69  
CEG C7  O6   sing N N 70  
CEG C8  O8A  doub N N 71  
CEG C8  O8B  sing N N 72  
CEG C9  H9A  sing N N 73  
CEG C9  H9B  sing N N 74  
CEG C9  H9C  sing N N 75  
CEG O1  HO1  sing N N 76  
CEG O2  HO2  sing N N 77  
CEG O3  HO3  sing N N 78  
CEG O8B HOB8 sing N N 79  
GAL C1  C2   sing N N 80  
GAL C1  O1   sing N N 81  
GAL C1  O5   sing N N 82  
GAL C1  H1   sing N N 83  
GAL C2  C3   sing N N 84  
GAL C2  O2   sing N N 85  
GAL C2  H2   sing N N 86  
GAL C3  C4   sing N N 87  
GAL C3  O3   sing N N 88  
GAL C3  H3   sing N N 89  
GAL C4  C5   sing N N 90  
GAL C4  O4   sing N N 91  
GAL C4  H4   sing N N 92  
GAL C5  C6   sing N N 93  
GAL C5  O5   sing N N 94  
GAL C5  H5   sing N N 95  
GAL C6  O6   sing N N 96  
GAL C6  H61  sing N N 97  
GAL C6  H62  sing N N 98  
GAL O1  HO1  sing N N 99  
GAL O2  HO2  sing N N 100 
GAL O3  HO3  sing N N 101 
GAL O4  HO4  sing N N 102 
GAL O6  HO6  sing N N 103 
MAN C1  C2   sing N N 104 
MAN C1  O1   sing N N 105 
MAN C1  O5   sing N N 106 
MAN C1  H1   sing N N 107 
MAN C2  C3   sing N N 108 
MAN C2  O2   sing N N 109 
MAN C2  H2   sing N N 110 
MAN C3  C4   sing N N 111 
MAN C3  O3   sing N N 112 
MAN C3  H3   sing N N 113 
MAN C4  C5   sing N N 114 
MAN C4  O4   sing N N 115 
MAN C4  H4   sing N N 116 
MAN C5  C6   sing N N 117 
MAN C5  O5   sing N N 118 
MAN C5  H5   sing N N 119 
MAN C6  O6   sing N N 120 
MAN C6  H61  sing N N 121 
MAN C6  H62  sing N N 122 
MAN O1  HO1  sing N N 123 
MAN O2  HO2  sing N N 124 
MAN O3  HO3  sing N N 125 
MAN O4  HO4  sing N N 126 
MAN O6  HO6  sing N N 127 
# 
loop_
_pdbx_entity_branch_list.entity_id 
_pdbx_entity_branch_list.comp_id 
_pdbx_entity_branch_list.num 
_pdbx_entity_branch_list.hetero 
1 GAL 1  n 
1 BDP 2  n 
1 BGC 3  n 
1 MAN 4  n 
1 GAL 5  n 
1 BDP 6  n 
1 BGC 7  n 
1 MAN 8  n 
1 MAN 9  n 
1 CEG 10 n 
1 MAN 11 n 
1 CEG 12 n 
# 
_atom_sites.entry_id                    1CAP 
_atom_sites.fract_transf_matrix[1][1]   -0.00670061 
_atom_sites.fract_transf_matrix[1][2]   -0.00546541 
_atom_sites.fract_transf_matrix[1][3]   0.04849616 
_atom_sites.fract_transf_matrix[2][1]   0.05076903 
_atom_sites.fract_transf_matrix[2][2]   -0.06803229 
_atom_sites.fract_transf_matrix[2][3]   -0.00065244 
_atom_sites.fract_transf_matrix[3][1]   0.02594738 
_atom_sites.fract_transf_matrix[3][2]   0.01930796 
_atom_sites.fract_transf_matrix[3][3]   0.00576106 
_atom_sites.fract_transf_vector[1]      0.000000 
_atom_sites.fract_transf_vector[2]      0.000000 
_atom_sites.fract_transf_vector[3]      0.547251 
# 
loop_
_atom_type.symbol 
C 
H 
O 
# 
loop_
_atom_site.group_PDB 
_atom_site.id 
_atom_site.type_symbol 
_atom_site.label_atom_id 
_atom_site.label_alt_id 
_atom_site.label_comp_id 
_atom_site.label_asym_id 
_atom_site.label_entity_id 
_atom_site.label_seq_id 
_atom_site.pdbx_PDB_ins_code 
_atom_site.Cartn_x 
_atom_site.Cartn_y 
_atom_site.Cartn_z 
_atom_site.occupancy 
_atom_site.B_iso_or_equiv 
_atom_site.pdbx_formal_charge 
_atom_site.auth_seq_id 
_atom_site.auth_comp_id 
_atom_site.auth_asym_id 
_atom_site.auth_atom_id 
_atom_site.pdbx_PDB_model_num 
HETATM 1   C C1  . GAL A 1 . ? -13.884 -5.500  -4.172 1.00 0.00 ? 1  GAL A C1  1 
HETATM 2   C C2  . GAL A 1 . ? -12.554 -4.786  -3.967 1.00 0.00 ? 1  GAL A C2  1 
HETATM 3   C C3  . GAL A 1 . ? -11.554 -5.710  -3.288 1.00 0.00 ? 1  GAL A C3  1 
HETATM 4   C C4  . GAL A 1 . ? -12.143 -6.279  -2.005 1.00 0.00 ? 1  GAL A C4  1 
HETATM 5   C C5  . GAL A 1 . ? -13.501 -6.913  -2.285 1.00 0.00 ? 1  GAL A C5  1 
HETATM 6   C C6  . GAL A 1 . ? -14.206 -7.367  -1.024 1.00 0.00 ? 1  GAL A C6  1 
HETATM 7   O O2  . GAL A 1 . ? -12.059 -4.344  -5.226 1.00 0.00 ? 1  GAL A O2  1 
HETATM 8   O O3  . GAL A 1 . ? -10.359 -4.985  -2.991 1.00 0.00 ? 1  GAL A O3  1 
HETATM 9   O O4  . GAL A 1 . ? -12.314 -5.246  -1.035 1.00 0.00 ? 1  GAL A O4  1 
HETATM 10  O O5  . GAL A 1 . ? -14.363 -5.957  -2.923 1.00 0.00 ? 1  GAL A O5  1 
HETATM 11  O O6  . GAL A 1 . ? -15.344 -8.176  -1.315 1.00 0.00 ? 1  GAL A O6  1 
HETATM 12  H H1  . GAL A 1 . ? -14.612 -4.801  -4.610 1.00 0.00 ? 1  GAL A H1  1 
HETATM 13  H H2  . GAL A 1 . ? -12.709 -3.892  -3.346 1.00 0.00 ? 1  GAL A H2  1 
HETATM 14  H H3  . GAL A 1 . ? -11.294 -6.533  -3.970 1.00 0.00 ? 1  GAL A H3  1 
HETATM 15  H H4  . GAL A 1 . ? -11.461 -7.038  -1.594 1.00 0.00 ? 1  GAL A H4  1 
HETATM 16  H H5  . GAL A 1 . ? -13.370 -7.786  -2.941 1.00 0.00 ? 1  GAL A H5  1 
HETATM 17  H H61 . GAL A 1 . ? -13.511 -7.957  -0.408 1.00 0.00 ? 1  GAL A H61 1 
HETATM 18  H H62 . GAL A 1 . ? -14.542 -6.488  -0.455 1.00 0.00 ? 1  GAL A H62 1 
HETATM 19  C C1  . BDP A 1 . ? -9.187  -5.728  -2.910 1.00 0.00 ? 2  BDP A C1  1 
HETATM 20  C C2  . BDP A 1 . ? -8.236  -5.023  -1.953 1.00 0.00 ? 2  BDP A C2  1 
HETATM 21  C C3  . BDP A 1 . ? -6.993  -5.867  -1.718 1.00 0.00 ? 2  BDP A C3  1 
HETATM 22  C C4  . BDP A 1 . ? -7.385  -7.271  -1.274 1.00 0.00 ? 2  BDP A C4  1 
HETATM 23  C C5  . BDP A 1 . ? -8.391  -7.870  -2.251 1.00 0.00 ? 2  BDP A C5  1 
HETATM 24  C C6  . BDP A 1 . ? -8.906  -9.221  -1.804 1.00 0.00 ? 2  BDP A C6  1 
HETATM 25  O O2  . BDP A 1 . ? -7.888  -3.750  -2.488 1.00 0.00 ? 2  BDP A O2  1 
HETATM 26  O O3  . BDP A 1 . ? -6.180  -5.255  -0.715 1.00 0.00 ? 2  BDP A O3  1 
HETATM 27  O O4  . BDP A 1 . ? -6.255  -8.091  -1.227 1.00 0.00 ? 2  BDP A O4  1 
HETATM 28  O O5  . BDP A 1 . ? -9.532  -7.008  -2.377 1.00 0.00 ? 2  BDP A O5  1 
HETATM 29  O O6A . BDP A 1 . ? -8.505  -10.191 -2.483 1.00 0.00 ? 2  BDP A O6A 1 
HETATM 30  O O6B . BDP A 1 . ? -9.668  -9.194  -0.813 1.00 0.00 ? 2  BDP A O6B 1 
HETATM 31  H H1  . BDP A 1 . ? -8.698  -5.856  -3.887 1.00 0.00 ? 2  BDP A H1  1 
HETATM 32  H H2  . BDP A 1 . ? -8.745  -4.843  -0.994 1.00 0.00 ? 2  BDP A H2  1 
HETATM 33  H H3  . BDP A 1 . ? -6.407  -5.927  -2.646 1.00 0.00 ? 2  BDP A H3  1 
HETATM 34  H H4  . BDP A 1 . ? -7.831  -7.228  -0.269 1.00 0.00 ? 2  BDP A H4  1 
HETATM 35  H H5  . BDP A 1 . ? -7.916  -7.996  -3.235 1.00 0.00 ? 2  BDP A H5  1 
HETATM 36  C C2  . BGC A 1 . ? -4.057  -4.735  0.185  1.00 0.00 ? 3  BGC A C2  1 
HETATM 37  C C3  . BGC A 1 . ? -2.591  -4.526  -0.158 1.00 0.00 ? 3  BGC A C3  1 
HETATM 38  C C4  . BGC A 1 . ? -2.088  -5.657  -1.046 1.00 0.00 ? 3  BGC A C4  1 
HETATM 39  C C5  . BGC A 1 . ? -3.008  -5.831  -2.249 1.00 0.00 ? 3  BGC A C5  1 
HETATM 40  C C6  . BGC A 1 . ? -2.627  -7.015  -3.111 1.00 0.00 ? 3  BGC A C6  1 
HETATM 41  C C1  . BGC A 1 . ? -4.878  -4.936  -1.082 1.00 0.00 ? 3  BGC A C1  1 
HETATM 42  O O2  . BGC A 1 . ? -4.571  -3.623  0.907  1.00 0.00 ? 3  BGC A O2  1 
HETATM 43  O O3  . BGC A 1 . ? -1.819  -4.477  1.044  1.00 0.00 ? 3  BGC A O3  1 
HETATM 44  O O4  . BGC A 1 . ? -0.773  -5.373  -1.516 1.00 0.00 ? 3  BGC A O4  1 
HETATM 45  O O5  . BGC A 1 . ? -4.358  -6.049  -1.812 1.00 0.00 ? 3  BGC A O5  1 
HETATM 46  O O6  . BGC A 1 . ? -1.870  -6.618  -4.254 1.00 0.00 ? 3  BGC A O6  1 
HETATM 47  H H2  . BGC A 1 . ? -4.160  -5.619  0.833  1.00 0.00 ? 3  BGC A H2  1 
HETATM 48  H H3  . BGC A 1 . ? -2.469  -3.567  -0.683 1.00 0.00 ? 3  BGC A H3  1 
HETATM 49  H H4  . BGC A 1 . ? -2.060  -6.593  -0.467 1.00 0.00 ? 3  BGC A H4  1 
HETATM 50  H H5  . BGC A 1 . ? -2.967  -4.927  -2.876 1.00 0.00 ? 3  BGC A H5  1 
HETATM 51  H H61 . BGC A 1 . ? -2.016  -7.716  -2.520 1.00 0.00 ? 3  BGC A H61 1 
HETATM 52  H H62 . BGC A 1 . ? -3.537  -7.523  -3.461 1.00 0.00 ? 3  BGC A H62 1 
HETATM 53  H H1  . BGC A 1 . ? -4.822  -4.030  -1.704 1.00 0.00 ? 3  BGC A H1  1 
HETATM 54  C C1  . MAN A 1 . ? -0.893  -3.413  1.157  1.00 0.00 ? 4  MAN A C1  1 
HETATM 55  C C2  . MAN A 1 . ? 0.092   -3.750  2.268  1.00 0.00 ? 4  MAN A C2  1 
HETATM 56  C C3  . MAN A 1 . ? -0.619  -3.812  3.611  1.00 0.00 ? 4  MAN A C3  1 
HETATM 57  C C4  . MAN A 1 . ? -1.400  -2.528  3.858  1.00 0.00 ? 4  MAN A C4  1 
HETATM 58  C C5  . MAN A 1 . ? -2.310  -2.229  2.672  1.00 0.00 ? 4  MAN A C5  1 
HETATM 59  C C6  . MAN A 1 . ? -2.992  -0.880  2.784  1.00 0.00 ? 4  MAN A C6  1 
HETATM 60  O O2  . MAN A 1 . ? 1.128   -2.775  2.289  1.00 0.00 ? 4  MAN A O2  1 
HETATM 61  O O3  . MAN A 1 . ? 0.339   -4.002  4.653  1.00 0.00 ? 4  MAN A O3  1 
HETATM 62  O O4  . MAN A 1 . ? -2.205  -2.653  5.029  1.00 0.00 ? 4  MAN A O4  1 
HETATM 63  O O5  . MAN A 1 . ? -1.538  -2.192  1.461  1.00 0.00 ? 4  MAN A O5  1 
HETATM 64  O O6  . MAN A 1 . ? -2.458  0.062   1.854  1.00 0.00 ? 4  MAN A O6  1 
HETATM 65  H H1  . MAN A 1 . ? -0.353  -3.315  0.203  1.00 0.00 ? 4  MAN A H1  1 
HETATM 66  H H2  . MAN A 1 . ? 0.565   -4.722  2.058  1.00 0.00 ? 4  MAN A H2  1 
HETATM 67  H H3  . MAN A 1 . ? -1.309  -4.669  3.621  1.00 0.00 ? 4  MAN A H3  1 
HETATM 68  H H4  . MAN A 1 . ? -0.697  -1.693  4.002  1.00 0.00 ? 4  MAN A H4  1 
HETATM 69  H H5  . MAN A 1 . ? -3.080  -3.010  2.593  1.00 0.00 ? 4  MAN A H5  1 
HETATM 70  H H61 . MAN A 1 . ? -4.067  -0.995  2.582  1.00 0.00 ? 4  MAN A H61 1 
HETATM 71  H H62 . MAN A 1 . ? -2.850  -0.481  3.799  1.00 0.00 ? 4  MAN A H62 1 
HETATM 72  C C1  . GAL A 1 . ? 2.321   -3.105  1.604  1.00 0.00 ? 5  GAL A C1  1 
HETATM 73  C C2  . GAL A 1 . ? 3.370   -2.048  1.928  1.00 0.00 ? 5  GAL A C2  1 
HETATM 74  C C3  . GAL A 1 . ? 2.948   -0.694  1.377  1.00 0.00 ? 5  GAL A C3  1 
HETATM 75  C C4  . GAL A 1 . ? 2.629   -0.801  -0.108 1.00 0.00 ? 5  GAL A C4  1 
HETATM 76  C C5  . GAL A 1 . ? 1.627   -1.923  -0.352 1.00 0.00 ? 5  GAL A C5  1 
HETATM 77  C C6  . GAL A 1 . ? 1.380   -2.177  -1.824 1.00 0.00 ? 5  GAL A C6  1 
HETATM 78  O O2  . GAL A 1 . ? 3.554   -1.985  3.338  1.00 0.00 ? 5  GAL A O2  1 
HETATM 79  O O3  . GAL A 1 . ? 3.999   0.253   1.579  1.00 0.00 ? 5  GAL A O3  1 
HETATM 80  O O4  . GAL A 1 . ? 3.814   -1.079  -0.852 1.00 0.00 ? 5  GAL A O4  1 
HETATM 81  O O5  . GAL A 1 . ? 2.124   -3.150  0.206  1.00 0.00 ? 5  GAL A O5  1 
HETATM 82  O O6  . GAL A 1 . ? 0.266   -3.044  -2.033 1.00 0.00 ? 5  GAL A O6  1 
HETATM 83  H H1  . GAL A 1 . ? 2.668   -4.087  1.958  1.00 0.00 ? 5  GAL A H1  1 
HETATM 84  H H2  . GAL A 1 . ? 4.334   -2.341  1.487  1.00 0.00 ? 5  GAL A H2  1 
HETATM 85  H H3  . GAL A 1 . ? 2.059   -0.339  1.919  1.00 0.00 ? 5  GAL A H3  1 
HETATM 86  H H4  . GAL A 1 . ? 2.207   0.152   -0.461 1.00 0.00 ? 5  GAL A H4  1 
HETATM 87  H H5  . GAL A 1 . ? 0.667   -1.667  0.121  1.00 0.00 ? 5  GAL A H5  1 
HETATM 88  H H61 . GAL A 1 . ? 1.175   -1.222  -2.331 1.00 0.00 ? 5  GAL A H61 1 
HETATM 89  H H62 . GAL A 1 . ? 2.270   -2.644  -2.270 1.00 0.00 ? 5  GAL A H62 1 
HETATM 90  C C1  . BDP A 1 . ? 3.622   1.586   1.675  1.00 0.00 ? 6  BDP A C1  1 
HETATM 91  C C2  . BDP A 1 . ? 4.778   2.450   1.185  1.00 0.00 ? 6  BDP A C2  1 
HETATM 92  C C3  . BDP A 1 . ? 4.366   3.912   1.135  1.00 0.00 ? 6  BDP A C3  1 
HETATM 93  C C4  . BDP A 1 . ? 3.089   4.074   0.320  1.00 0.00 ? 6  BDP A C4  1 
HETATM 94  C C5  . BDP A 1 . ? 2.013   3.124   0.835  1.00 0.00 ? 6  BDP A C5  1 
HETATM 95  C C6  . BDP A 1 . ? 0.755   3.155   -0.005 1.00 0.00 ? 6  BDP A C6  1 
HETATM 96  O O2  . BDP A 1 . ? 5.897   2.269   2.046  1.00 0.00 ? 6  BDP A O2  1 
HETATM 97  O O3  . BDP A 1 . ? 5.414   4.685   0.545  1.00 0.00 ? 6  BDP A O3  1 
HETATM 98  O O4  . BDP A 1 . ? 2.620   5.387   0.420  1.00 0.00 ? 6  BDP A O4  1 
HETATM 99  O O5  . BDP A 1 . ? 2.496   1.772   0.815  1.00 0.00 ? 6  BDP A O5  1 
HETATM 100 O O6A . BDP A 1 . ? -0.235  3.688   0.543  1.00 0.00 ? 6  BDP A O6A 1 
HETATM 101 O O6B . BDP A 1 . ? 0.866   2.645   -1.142 1.00 0.00 ? 6  BDP A O6B 1 
HETATM 102 H H1  . BDP A 1 . ? 3.354   1.879   2.701  1.00 0.00 ? 6  BDP A H1  1 
HETATM 103 H H2  . BDP A 1 . ? 5.083   2.118   0.181  1.00 0.00 ? 6  BDP A H2  1 
HETATM 104 H H3  . BDP A 1 . ? 4.199   4.283   2.156  1.00 0.00 ? 6  BDP A H3  1 
HETATM 105 H H4  . BDP A 1 . ? 3.297   3.854   -0.737 1.00 0.00 ? 6  BDP A H4  1 
HETATM 106 H H5  . BDP A 1 . ? 1.741   3.401   1.864  1.00 0.00 ? 6  BDP A H5  1 
HETATM 107 C C2  . BGC A 1 . ? 6.671   6.680   0.396  1.00 0.00 ? 7  BGC A C2  1 
HETATM 108 C C3  . BGC A 1 . ? 7.134   7.907   1.167  1.00 0.00 ? 7  BGC A C3  1 
HETATM 109 C C4  . BGC A 1 . ? 5.963   8.540   1.906  1.00 0.00 ? 7  BGC A C4  1 
HETATM 110 C C5  . BGC A 1 . ? 5.240   7.491   2.745  1.00 0.00 ? 7  BGC A C5  1 
HETATM 111 C C6  . BGC A 1 . ? 3.996   8.034   3.415  1.00 0.00 ? 7  BGC A C6  1 
HETATM 112 C C1  . BGC A 1 . ? 5.930   5.719   1.316  1.00 0.00 ? 7  BGC A C1  1 
HETATM 113 O O2  . BGC A 1 . ? 7.776   6.008   -0.196 1.00 0.00 ? 7  BGC A O2  1 
HETATM 114 O O3  . BGC A 1 . ? 7.703   8.856   0.262  1.00 0.00 ? 7  BGC A O3  1 
HETATM 115 O O4  . BGC A 1 . ? 6.421   9.577   2.770  1.00 0.00 ? 7  BGC A O4  1 
HETATM 116 O O5  . BGC A 1 . ? 4.824   6.395   1.915  1.00 0.00 ? 7  BGC A O5  1 
HETATM 117 O O6  . BGC A 1 . ? 4.236   8.378   4.779  1.00 0.00 ? 7  BGC A O6  1 
HETATM 118 H H2  . BGC A 1 . ? 6.005   6.992   -0.423 1.00 0.00 ? 7  BGC A H2  1 
HETATM 119 H H3  . BGC A 1 . ? 7.909   7.615   1.891  1.00 0.00 ? 7  BGC A H3  1 
HETATM 120 H H4  . BGC A 1 . ? 5.261   8.974   1.178  1.00 0.00 ? 7  BGC A H4  1 
HETATM 121 H H5  . BGC A 1 . ? 5.916   7.121   3.531  1.00 0.00 ? 7  BGC A H5  1 
HETATM 122 H H61 . BGC A 1 . ? 3.660   8.939   2.885  1.00 0.00 ? 7  BGC A H61 1 
HETATM 123 H H62 . BGC A 1 . ? 3.202   7.274   3.386  1.00 0.00 ? 7  BGC A H62 1 
HETATM 124 H H1  . BGC A 1 . ? 6.613   5.363   2.101  1.00 0.00 ? 7  BGC A H1  1 
HETATM 125 C C1  . MAN A 1 . ? 8.952   9.410   0.633  1.00 0.00 ? 8  MAN A C1  1 
HETATM 126 C C2  . MAN A 1 . ? 9.191   10.658  -0.207 1.00 0.00 ? 8  MAN A C2  1 
HETATM 127 C C3  . MAN A 1 . ? 9.329   10.293  -1.677 1.00 0.00 ? 8  MAN A C3  1 
HETATM 128 C C4  . MAN A 1 . ? 10.396  9.222   -1.861 1.00 0.00 ? 8  MAN A C4  1 
HETATM 129 C C5  . MAN A 1 . ? 10.120  8.040   -0.938 1.00 0.00 ? 8  MAN A C5  1 
HETATM 130 C C6  . MAN A 1 . ? 11.234  7.014   -0.954 1.00 0.00 ? 8  MAN A C6  1 
HETATM 131 O O2  . MAN A 1 . ? 10.359  11.323  0.261  1.00 0.00 ? 8  MAN A O2  1 
HETATM 132 O O3  . MAN A 1 . ? 9.679   11.456  -2.429 1.00 0.00 ? 8  MAN A O3  1 
HETATM 133 O O4  . MAN A 1 . ? 10.405  8.755   -3.208 1.00 0.00 ? 8  MAN A O4  1 
HETATM 134 O O5  . MAN A 1 . ? 10.010  8.496   0.420  1.00 0.00 ? 8  MAN A O5  1 
HETATM 135 O O6  . MAN A 1 . ? 11.983  7.026   0.261  1.00 0.00 ? 8  MAN A O6  1 
HETATM 136 H H1  . MAN A 1 . ? 8.913   9.684   1.697  1.00 0.00 ? 8  MAN A H1  1 
HETATM 137 H H2  . MAN A 1 . ? 8.347   11.353  -0.079 1.00 0.00 ? 8  MAN A H2  1 
HETATM 138 H H3  . MAN A 1 . ? 8.365   9.920   -2.054 1.00 0.00 ? 8  MAN A H3  1 
HETATM 139 H H4  . MAN A 1 . ? 11.385  9.646   -1.629 1.00 0.00 ? 8  MAN A H4  1 
HETATM 140 H H5  . MAN A 1 . ? 9.182   7.551   -1.239 1.00 0.00 ? 8  MAN A H5  1 
HETATM 141 H H61 . MAN A 1 . ? 10.806  6.009   -1.085 1.00 0.00 ? 8  MAN A H61 1 
HETATM 142 H H62 . MAN A 1 . ? 11.921  7.231   -1.785 1.00 0.00 ? 8  MAN A H62 1 
HETATM 143 C C1  . MAN A 1 . ? 2.665   6.195   -0.757 1.00 0.00 ? 9  MAN A C1  1 
HETATM 144 C C2  . MAN A 1 . ? 2.870   7.649   -0.355 1.00 0.00 ? 9  MAN A C2  1 
HETATM 145 C C3  . MAN A 1 . ? 1.662   8.165   0.412  1.00 0.00 ? 9  MAN A C3  1 
HETATM 146 C C4  . MAN A 1 . ? 0.386   7.928   -0.385 1.00 0.00 ? 9  MAN A C4  1 
HETATM 147 C C5  . MAN A 1 . ? 0.292   6.465   -0.806 1.00 0.00 ? 9  MAN A C5  1 
HETATM 148 C C6  . MAN A 1 . ? -0.880  6.196   -1.726 1.00 0.00 ? 9  MAN A C6  1 
HETATM 149 O O2  . MAN A 1 . ? 3.101   8.432   -1.520 1.00 0.00 ? 9  MAN A O2  1 
HETATM 150 O O3  . MAN A 1 . ? 1.817   9.562   0.668  1.00 0.00 ? 9  MAN A O3  1 
HETATM 151 O O4  . MAN A 1 . ? -0.759  8.249   0.402  1.00 0.00 ? 9  MAN A O4  1 
HETATM 152 O O5  . MAN A 1 . ? 1.479   6.086   -1.519 1.00 0.00 ? 9  MAN A O5  1 
HETATM 153 O O6  . MAN A 1 . ? -0.647  6.701   -3.041 1.00 0.00 ? 9  MAN A O6  1 
HETATM 154 H H1  . MAN A 1 . ? 3.521   5.856   -1.359 1.00 0.00 ? 9  MAN A H1  1 
HETATM 155 H H2  . MAN A 1 . ? 3.768   7.733   0.276  1.00 0.00 ? 9  MAN A H2  1 
HETATM 156 H H3  . MAN A 1 . ? 1.592   7.646   1.379  1.00 0.00 ? 9  MAN A H3  1 
HETATM 157 H H4  . MAN A 1 . ? 0.388   8.568   -1.279 1.00 0.00 ? 9  MAN A H4  1 
HETATM 158 H H5  . MAN A 1 . ? 0.173   5.821   0.077  1.00 0.00 ? 9  MAN A H5  1 
HETATM 159 H H61 . MAN A 1 . ? -1.049  5.112   -1.797 1.00 0.00 ? 9  MAN A H61 1 
HETATM 160 H H62 . MAN A 1 . ? -1.781  6.682   -1.325 1.00 0.00 ? 9  MAN A H62 1 
HETATM 161 C C1  . CEG A 1 . ? 4.326   9.080   -1.599 1.00 0.00 ? 10 CEG A C1  1 
HETATM 162 C C2  . CEG A 1 . ? 4.759   9.119   -3.059 1.00 0.00 ? 10 CEG A C2  1 
HETATM 163 C C3  . CEG A 1 . ? 6.027   9.944   -3.218 1.00 0.00 ? 10 CEG A C3  1 
HETATM 164 C C4  . CEG A 1 . ? 5.843   11.321  -2.593 1.00 0.00 ? 10 CEG A C4  1 
HETATM 165 C C5  . CEG A 1 . ? 5.343   11.186  -1.158 1.00 0.00 ? 10 CEG A C5  1 
HETATM 166 C C6  . CEG A 1 . ? 5.033   12.525  -0.526 1.00 0.00 ? 10 CEG A C6  1 
HETATM 167 C C7  . CEG A 1 . ? 6.622   13.501  -2.048 1.00 0.00 ? 10 CEG A C7  1 
HETATM 168 C C8  . CEG A 1 . ? 5.538   14.122  -2.931 1.00 0.00 ? 10 CEG A C8  1 
HETATM 169 C C9  . CEG A 1 . ? 7.825   14.362  -2.085 1.00 0.00 ? 10 CEG A C9  1 
HETATM 170 O O2  . CEG A 1 . ? 4.960   7.789   -3.526 1.00 0.00 ? 10 CEG A O2  1 
HETATM 171 O O3  . CEG A 1 . ? 6.338   10.082  -4.606 1.00 0.00 ? 10 CEG A O3  1 
HETATM 172 O O4  . CEG A 1 . ? 6.955   12.212  -2.571 1.00 0.00 ? 10 CEG A O4  1 
HETATM 173 O O5  . CEG A 1 . ? 4.132   10.415  -1.128 1.00 0.00 ? 10 CEG A O5  1 
HETATM 174 O O6  . CEG A 1 . ? 6.159   13.385  -0.700 1.00 0.00 ? 10 CEG A O6  1 
HETATM 175 O O8A . CEG A 1 . ? 4.432   13.540  -2.897 1.00 0.00 ? 10 CEG A O8A 1 
HETATM 176 O O8B . CEG A 1 . ? 5.896   15.131  -3.576 1.00 0.00 ? 10 CEG A O8B 1 
HETATM 177 H H1  . CEG A 1 . ? 5.105   8.588   -0.998 1.00 0.00 ? 10 CEG A H1  1 
HETATM 178 H H2  . CEG A 1 . ? 3.956   9.558   -3.668 1.00 0.00 ? 10 CEG A H2  1 
HETATM 179 H H3  . CEG A 1 . ? 6.865   9.428   -2.727 1.00 0.00 ? 10 CEG A H3  1 
HETATM 180 H H4  . CEG A 1 . ? 5.115   11.897  -3.183 1.00 0.00 ? 10 CEG A H4  1 
HETATM 181 H H5  . CEG A 1 . ? 6.111   10.687  -0.548 1.00 0.00 ? 10 CEG A H5  1 
HETATM 182 H H61 . CEG A 1 . ? 4.831   12.387  0.547  1.00 0.00 ? 10 CEG A H61 1 
HETATM 183 H H62 . CEG A 1 . ? 4.149   12.964  -1.011 1.00 0.00 ? 10 CEG A H62 1 
HETATM 184 H H9A . CEG A 1 . ? 7.583   15.349  -1.663 1.00 0.00 ? 10 CEG A H9A 1 
HETATM 185 H H9B . CEG A 1 . ? 8.627   13.898  -1.492 1.00 0.00 ? 10 CEG A H9B 1 
HETATM 186 H H9C . CEG A 1 . ? 8.161   14.480  -3.126 1.00 0.00 ? 10 CEG A H9C 1 
HETATM 187 C C1  . MAN A 1 . ? -5.820  -8.542  0.057  1.00 0.00 ? 11 MAN A C1  1 
HETATM 188 C C2  . MAN A 1 . ? -4.307  -8.719  0.035  1.00 0.00 ? 11 MAN A C2  1 
HETATM 189 C C3  . MAN A 1 . ? -3.915  -9.842  -0.913 1.00 0.00 ? 11 MAN A C3  1 
HETATM 190 C C4  . MAN A 1 . ? -4.672  -11.117 -0.567 1.00 0.00 ? 11 MAN A C4  1 
HETATM 191 C C5  . MAN A 1 . ? -6.170  -10.839 -0.500 1.00 0.00 ? 11 MAN A C5  1 
HETATM 192 C C6  . MAN A 1 . ? -6.965  -12.033 -0.016 1.00 0.00 ? 11 MAN A C6  1 
HETATM 193 O O2  . MAN A 1 . ? -3.847  -8.986  1.355  1.00 0.00 ? 11 MAN A O2  1 
HETATM 194 O O3  . MAN A 1 . ? -2.509  -10.077 -0.822 1.00 0.00 ? 11 MAN A O3  1 
HETATM 195 O O4  . MAN A 1 . ? -4.439  -12.117 -1.556 1.00 0.00 ? 11 MAN A O4  1 
HETATM 196 O O5  . MAN A 1 . ? -6.425  -9.766  0.421  1.00 0.00 ? 11 MAN A O5  1 
HETATM 197 O O6  . MAN A 1 . ? -6.803  -12.245 1.387  1.00 0.00 ? 11 MAN A O6  1 
HETATM 198 H H1  . MAN A 1 . ? -6.089  -7.767  0.788  1.00 0.00 ? 11 MAN A H1  1 
HETATM 199 H H2  . MAN A 1 . ? -3.833  -7.781  -0.290 1.00 0.00 ? 11 MAN A H2  1 
HETATM 200 H H3  . MAN A 1 . ? -4.146  -9.547  -1.946 1.00 0.00 ? 11 MAN A H3  1 
HETATM 201 H H4  . MAN A 1 . ? -4.325  -11.498 0.405  1.00 0.00 ? 11 MAN A H4  1 
HETATM 202 H H5  . MAN A 1 . ? -6.553  -10.568 -1.494 1.00 0.00 ? 11 MAN A H5  1 
HETATM 203 H H61 . MAN A 1 . ? -8.033  -11.870 -0.219 1.00 0.00 ? 11 MAN A H61 1 
HETATM 204 H H62 . MAN A 1 . ? -6.626  -12.938 -0.542 1.00 0.00 ? 11 MAN A H62 1 
HETATM 205 C C1  . CEG A 1 . ? -2.963  -8.065  1.902  1.00 0.00 ? 12 CEG A C1  1 
HETATM 206 C C2  . CEG A 1 . ? -3.224  -7.976  3.400  1.00 0.00 ? 12 CEG A C2  1 
HETATM 207 C C3  . CEG A 1 . ? -2.188  -7.087  4.070  1.00 0.00 ? 12 CEG A C3  1 
HETATM 208 C C4  . CEG A 1 . ? -0.782  -7.555  3.717  1.00 0.00 ? 12 CEG A C4  1 
HETATM 209 C C5  . CEG A 1 . ? -0.634  -7.682  2.204  1.00 0.00 ? 12 CEG A C5  1 
HETATM 210 C C6  . CEG A 1 . ? 0.708   -8.254  1.801  1.00 0.00 ? 12 CEG A C6  1 
HETATM 211 C C7  . CEG A 1 . ? 1.586   -7.394  3.871  1.00 0.00 ? 12 CEG A C7  1 
HETATM 212 C C8  . CEG A 1 . ? 1.649   -8.774  4.527  1.00 0.00 ? 12 CEG A C8  1 
HETATM 213 C C9  . CEG A 1 . ? 2.673   -6.550  4.415  1.00 0.00 ? 12 CEG A C9  1 
HETATM 214 O O2  . CEG A 1 . ? -4.538  -7.475  3.620  1.00 0.00 ? 12 CEG A O2  1 
HETATM 215 O O3  . CEG A 1 . ? -2.367  -7.127  5.487  1.00 0.00 ? 12 CEG A O3  1 
HETATM 216 O O4  . CEG A 1 . ? 0.327   -6.794  4.188  1.00 0.00 ? 12 CEG A O4  1 
HETATM 217 O O5  . CEG A 1 . ? -1.641  -8.561  1.681  1.00 0.00 ? 12 CEG A O5  1 
HETATM 218 O O6  . CEG A 1 . ? 1.736   -7.510  2.453  1.00 0.00 ? 12 CEG A O6  1 
HETATM 219 O O8A . CEG A 1 . ? 0.844   -9.614  4.068  1.00 0.00 ? 12 CEG A O8A 1 
HETATM 220 O O8B . CEG A 1 . ? 2.497   -8.886  5.439  1.00 0.00 ? 12 CEG A O8B 1 
HETATM 221 H H1  . CEG A 1 . ? -3.060  -7.066  1.452  1.00 0.00 ? 12 CEG A H1  1 
HETATM 222 H H2  . CEG A 1 . ? -3.184  -8.984  3.840  1.00 0.00 ? 12 CEG A H2  1 
HETATM 223 H H3  . CEG A 1 . ? -2.324  -6.048  3.735  1.00 0.00 ? 12 CEG A H3  1 
HETATM 224 H H4  . CEG A 1 . ? -0.591  -8.531  4.187  1.00 0.00 ? 12 CEG A H4  1 
HETATM 225 H H5  . CEG A 1 . ? -0.737  -6.689  1.741  1.00 0.00 ? 12 CEG A H5  1 
HETATM 226 H H61 . CEG A 1 . ? 0.827   -8.177  0.709  1.00 0.00 ? 12 CEG A H61 1 
HETATM 227 H H62 . CEG A 1 . ? 0.762   -9.310  2.101  1.00 0.00 ? 12 CEG A H62 1 
HETATM 228 H H9A . CEG A 1 . ? 3.646   -6.993  4.157  1.00 0.00 ? 12 CEG A H9A 1 
HETATM 229 H H9B . CEG A 1 . ? 2.605   -5.540  3.986  1.00 0.00 ? 12 CEG A H9B 1 
HETATM 230 H H9C . CEG A 1 . ? 2.577   -6.490  5.510  1.00 0.00 ? 12 CEG A H9C 1 
# 
